data_6DRI
#
_entry.id   6DRI
#
_entity_poly.entity_id   1
_entity_poly.type   'polypeptide(L)'
_entity_poly.pdbx_seq_one_letter_code
;EHCADEKNFDCRRSLRNGDCDNDDKLLEMGYYCPVTCGFC(NH2)
;
_entity_poly.pdbx_strand_id   A
#
# COMPACT_ATOMS: atom_id res chain seq x y z
N GLU A 1 -15.71 3.89 -0.04
CA GLU A 1 -14.58 3.47 -0.85
C GLU A 1 -14.21 2.04 -0.49
N HIS A 2 -14.55 1.11 -1.35
CA HIS A 2 -14.15 -0.26 -1.14
C HIS A 2 -12.76 -0.42 -1.71
N CYS A 3 -11.84 -0.63 -0.84
CA CYS A 3 -10.45 -0.62 -1.17
C CYS A 3 -9.98 -1.98 -1.68
N ALA A 4 -9.04 -1.95 -2.59
CA ALA A 4 -8.47 -3.15 -3.13
C ALA A 4 -7.07 -2.85 -3.56
N ASP A 5 -6.14 -3.70 -3.18
CA ASP A 5 -4.73 -3.55 -3.59
C ASP A 5 -4.63 -3.61 -5.11
N GLU A 6 -3.76 -2.79 -5.64
CA GLU A 6 -3.55 -2.68 -7.06
C GLU A 6 -2.88 -3.97 -7.58
N LYS A 7 -3.13 -4.27 -8.84
CA LYS A 7 -2.67 -5.48 -9.48
C LYS A 7 -1.26 -5.35 -10.04
N ASN A 8 -0.94 -4.18 -10.51
CA ASN A 8 0.34 -3.92 -11.18
C ASN A 8 1.34 -3.38 -10.20
N PHE A 9 0.86 -2.83 -9.13
CA PHE A 9 1.71 -2.36 -8.06
C PHE A 9 2.06 -3.54 -7.20
N ASP A 10 3.32 -3.75 -6.93
CA ASP A 10 3.67 -4.90 -6.10
C ASP A 10 3.60 -4.52 -4.64
N CYS A 11 2.59 -5.01 -3.99
CA CYS A 11 2.29 -4.71 -2.61
C CYS A 11 3.26 -5.41 -1.67
N ARG A 12 3.81 -6.54 -2.09
CA ARG A 12 4.66 -7.33 -1.23
C ARG A 12 6.03 -6.70 -1.12
N ARG A 13 6.56 -6.32 -2.25
CA ARG A 13 7.84 -5.66 -2.35
C ARG A 13 7.80 -4.37 -1.59
N SER A 14 6.78 -3.58 -1.85
CA SER A 14 6.63 -2.28 -1.19
C SER A 14 6.53 -2.42 0.34
N LEU A 15 5.90 -3.49 0.79
CA LEU A 15 5.78 -3.75 2.22
C LEU A 15 7.13 -4.17 2.78
N ARG A 16 7.83 -4.99 2.02
CA ARG A 16 9.12 -5.50 2.38
C ARG A 16 10.18 -4.38 2.38
N ASN A 17 10.03 -3.43 1.47
CA ASN A 17 10.95 -2.29 1.39
C ASN A 17 10.76 -1.43 2.61
N GLY A 18 9.51 -1.17 2.89
CA GLY A 18 9.16 -0.31 3.96
C GLY A 18 8.53 0.96 3.44
N ASP A 19 8.04 0.89 2.19
CA ASP A 19 7.38 2.02 1.54
C ASP A 19 6.20 2.47 2.35
N CYS A 20 5.49 1.53 2.89
CA CYS A 20 4.28 1.80 3.63
C CYS A 20 4.58 2.30 5.05
N ASP A 21 5.84 2.35 5.44
CA ASP A 21 6.19 2.85 6.76
C ASP A 21 6.65 4.30 6.62
N ASN A 22 6.82 4.70 5.38
CA ASN A 22 7.24 6.05 5.04
C ASN A 22 6.01 6.93 5.00
N ASP A 23 6.02 7.97 5.81
CA ASP A 23 4.89 8.89 5.96
C ASP A 23 4.42 9.49 4.65
N ASP A 24 5.34 9.87 3.80
CA ASP A 24 4.99 10.52 2.54
C ASP A 24 4.52 9.52 1.51
N LYS A 25 4.80 8.28 1.76
CA LYS A 25 4.34 7.22 0.89
C LYS A 25 3.06 6.61 1.39
N LEU A 26 2.64 7.01 2.56
CA LEU A 26 1.36 6.54 3.13
C LEU A 26 0.22 6.82 2.18
N LEU A 27 0.20 8.03 1.61
CA LEU A 27 -0.78 8.42 0.64
C LEU A 27 -0.77 7.46 -0.53
N GLU A 28 0.44 7.22 -1.03
CA GLU A 28 0.70 6.34 -2.16
C GLU A 28 0.19 4.93 -1.86
N MET A 29 0.34 4.55 -0.63
CA MET A 29 0.01 3.20 -0.21
C MET A 29 -1.46 3.06 0.10
N GLY A 30 -2.07 4.18 0.41
CA GLY A 30 -3.49 4.23 0.72
C GLY A 30 -4.35 3.91 -0.46
N TYR A 31 -3.84 4.18 -1.65
CA TYR A 31 -4.57 3.85 -2.84
C TYR A 31 -4.02 2.64 -3.56
N TYR A 32 -2.72 2.49 -3.51
CA TYR A 32 -2.08 1.34 -4.16
C TYR A 32 -2.34 0.03 -3.44
N CYS A 33 -1.90 -0.09 -2.22
CA CYS A 33 -2.07 -1.34 -1.52
C CYS A 33 -2.59 -1.11 -0.10
N PRO A 34 -3.86 -0.69 0.02
CA PRO A 34 -4.42 -0.33 1.30
C PRO A 34 -4.77 -1.54 2.14
N VAL A 35 -4.97 -2.65 1.47
CA VAL A 35 -5.37 -3.84 2.16
C VAL A 35 -4.12 -4.52 2.70
N THR A 36 -3.05 -4.43 1.95
CA THR A 36 -1.74 -4.94 2.36
C THR A 36 -1.22 -4.15 3.60
N CYS A 37 -1.53 -2.86 3.64
CA CYS A 37 -1.13 -2.04 4.78
C CYS A 37 -2.13 -2.14 5.94
N GLY A 38 -3.16 -2.95 5.77
CA GLY A 38 -4.12 -3.19 6.82
C GLY A 38 -5.01 -2.01 7.12
N PHE A 39 -5.23 -1.13 6.14
CA PHE A 39 -6.10 0.00 6.36
C PHE A 39 -7.53 -0.48 6.35
N CYS A 40 -7.77 -1.46 5.51
CA CYS A 40 -9.06 -2.06 5.33
C CYS A 40 -8.91 -3.45 4.72
N GLU A 1 -17.56 0.82 -2.85
CA GLU A 1 -16.40 0.43 -3.64
C GLU A 1 -15.74 -0.78 -2.98
N HIS A 2 -14.73 -1.31 -3.61
CA HIS A 2 -13.99 -2.40 -3.04
C HIS A 2 -12.65 -1.92 -2.56
N CYS A 3 -12.43 -1.91 -1.27
CA CYS A 3 -11.15 -1.53 -0.75
C CYS A 3 -10.16 -2.65 -1.07
N ALA A 4 -9.35 -2.44 -2.07
CA ALA A 4 -8.42 -3.42 -2.52
C ALA A 4 -7.19 -2.74 -3.05
N ASP A 5 -6.07 -3.37 -2.85
CA ASP A 5 -4.77 -2.86 -3.30
C ASP A 5 -4.72 -2.83 -4.82
N GLU A 6 -3.82 -2.05 -5.37
CA GLU A 6 -3.67 -1.95 -6.81
C GLU A 6 -3.06 -3.28 -7.28
N LYS A 7 -3.53 -3.78 -8.39
CA LYS A 7 -3.20 -5.09 -8.85
C LYS A 7 -1.87 -5.17 -9.57
N ASN A 8 -1.47 -4.08 -10.15
CA ASN A 8 -0.22 -4.03 -10.90
C ASN A 8 0.90 -3.64 -9.96
N PHE A 9 0.54 -2.85 -8.99
CA PHE A 9 1.45 -2.44 -7.97
C PHE A 9 1.63 -3.59 -7.02
N ASP A 10 2.84 -4.05 -6.88
CA ASP A 10 3.08 -5.15 -6.00
C ASP A 10 3.37 -4.62 -4.62
N CYS A 11 2.34 -4.59 -3.80
CA CYS A 11 2.43 -4.07 -2.46
C CYS A 11 3.23 -4.96 -1.56
N ARG A 12 3.39 -6.21 -1.96
CA ARG A 12 4.19 -7.14 -1.18
C ARG A 12 5.64 -6.70 -1.22
N ARG A 13 6.07 -6.31 -2.39
CA ARG A 13 7.40 -5.78 -2.60
C ARG A 13 7.54 -4.46 -1.83
N SER A 14 6.57 -3.56 -2.02
CA SER A 14 6.58 -2.24 -1.37
C SER A 14 6.65 -2.34 0.17
N LEU A 15 5.92 -3.30 0.72
CA LEU A 15 5.87 -3.54 2.16
C LEU A 15 7.24 -3.99 2.67
N ARG A 16 7.89 -4.84 1.91
CA ARG A 16 9.20 -5.33 2.27
C ARG A 16 10.29 -4.30 1.98
N ASN A 17 10.03 -3.46 0.98
CA ASN A 17 10.96 -2.38 0.59
C ASN A 17 11.03 -1.31 1.65
N GLY A 18 9.98 -1.20 2.42
CA GLY A 18 9.96 -0.23 3.50
C GLY A 18 9.15 0.99 3.15
N ASP A 19 8.49 0.96 2.01
CA ASP A 19 7.69 2.11 1.55
C ASP A 19 6.43 2.26 2.35
N CYS A 20 5.95 1.16 2.88
CA CYS A 20 4.73 1.17 3.66
C CYS A 20 5.05 1.60 5.10
N ASP A 21 6.33 1.68 5.41
CA ASP A 21 6.78 2.14 6.72
C ASP A 21 7.24 3.59 6.61
N ASN A 22 7.31 4.06 5.39
CA ASN A 22 7.75 5.40 5.13
C ASN A 22 6.56 6.34 5.18
N ASP A 23 6.65 7.34 6.04
CA ASP A 23 5.60 8.34 6.23
C ASP A 23 5.32 9.09 4.96
N ASP A 24 6.35 9.31 4.18
CA ASP A 24 6.28 10.03 2.92
C ASP A 24 5.47 9.26 1.88
N LYS A 25 5.54 7.95 1.95
CA LYS A 25 4.87 7.12 0.98
C LYS A 25 3.49 6.68 1.46
N LEU A 26 3.11 7.07 2.67
CA LEU A 26 1.83 6.65 3.25
C LEU A 26 0.64 7.07 2.40
N LEU A 27 0.70 8.27 1.84
CA LEU A 27 -0.32 8.76 0.95
C LEU A 27 -0.53 7.77 -0.19
N GLU A 28 0.60 7.40 -0.80
CA GLU A 28 0.64 6.48 -1.92
C GLU A 28 0.08 5.13 -1.48
N MET A 29 0.39 4.78 -0.24
CA MET A 29 0.03 3.48 0.30
C MET A 29 -1.45 3.39 0.53
N GLY A 30 -2.09 4.51 0.76
CA GLY A 30 -3.52 4.50 1.03
C GLY A 30 -4.33 4.11 -0.18
N TYR A 31 -3.89 4.49 -1.36
CA TYR A 31 -4.62 4.14 -2.55
C TYR A 31 -4.01 3.00 -3.33
N TYR A 32 -2.74 2.85 -3.21
CA TYR A 32 -2.06 1.73 -3.85
C TYR A 32 -2.13 0.46 -3.01
N CYS A 33 -2.04 0.59 -1.70
CA CYS A 33 -1.98 -0.59 -0.83
C CYS A 33 -2.93 -0.49 0.43
N PRO A 34 -4.25 -0.13 0.25
CA PRO A 34 -5.19 0.01 1.38
C PRO A 34 -5.31 -1.26 2.23
N VAL A 35 -5.17 -2.40 1.62
CA VAL A 35 -5.34 -3.63 2.34
C VAL A 35 -4.03 -4.06 2.99
N THR A 36 -2.97 -4.02 2.22
CA THR A 36 -1.65 -4.44 2.67
C THR A 36 -1.16 -3.60 3.86
N CYS A 37 -1.38 -2.31 3.80
CA CYS A 37 -0.94 -1.40 4.86
C CYS A 37 -2.01 -1.17 5.95
N GLY A 38 -3.06 -1.98 5.91
CA GLY A 38 -4.08 -1.97 6.97
C GLY A 38 -4.95 -0.72 7.04
N PHE A 39 -5.49 -0.32 5.93
CA PHE A 39 -6.47 0.78 5.91
C PHE A 39 -7.85 0.17 5.92
N CYS A 40 -7.98 -0.90 5.16
CA CYS A 40 -9.22 -1.61 5.05
C CYS A 40 -8.89 -3.08 4.81
N GLU A 1 -15.76 2.66 -1.72
CA GLU A 1 -14.38 2.50 -2.15
C GLU A 1 -14.08 1.02 -2.22
N HIS A 2 -13.19 0.64 -3.11
CA HIS A 2 -12.82 -0.73 -3.23
C HIS A 2 -11.56 -0.97 -2.43
N CYS A 3 -11.70 -1.70 -1.36
CA CYS A 3 -10.59 -1.99 -0.52
C CYS A 3 -9.88 -3.26 -0.99
N ALA A 4 -9.00 -3.09 -1.92
CA ALA A 4 -8.21 -4.17 -2.47
C ALA A 4 -6.91 -3.62 -2.97
N ASP A 5 -5.82 -4.29 -2.64
CA ASP A 5 -4.48 -3.86 -3.07
C ASP A 5 -4.39 -3.88 -4.59
N GLU A 6 -3.70 -2.90 -5.14
CA GLU A 6 -3.54 -2.74 -6.56
C GLU A 6 -2.76 -3.91 -7.18
N LYS A 7 -3.20 -4.33 -8.35
CA LYS A 7 -2.65 -5.45 -9.07
C LYS A 7 -1.45 -5.06 -9.90
N ASN A 8 -1.45 -3.82 -10.34
CA ASN A 8 -0.37 -3.28 -11.18
C ASN A 8 0.77 -2.74 -10.34
N PHE A 9 0.52 -2.68 -9.08
CA PHE A 9 1.45 -2.18 -8.11
C PHE A 9 1.85 -3.36 -7.28
N ASP A 10 3.07 -3.45 -6.83
CA ASP A 10 3.42 -4.60 -6.03
C ASP A 10 3.51 -4.21 -4.57
N CYS A 11 2.43 -4.50 -3.87
CA CYS A 11 2.29 -4.16 -2.47
C CYS A 11 3.22 -4.98 -1.59
N ARG A 12 3.68 -6.10 -2.12
CA ARG A 12 4.52 -7.01 -1.36
C ARG A 12 5.92 -6.40 -1.31
N ARG A 13 6.39 -5.95 -2.46
CA ARG A 13 7.66 -5.25 -2.59
C ARG A 13 7.63 -3.97 -1.77
N SER A 14 6.50 -3.28 -1.82
CA SER A 14 6.33 -2.04 -1.08
C SER A 14 6.33 -2.31 0.45
N LEU A 15 5.93 -3.49 0.84
CA LEU A 15 5.95 -3.88 2.25
C LEU A 15 7.40 -4.23 2.62
N ARG A 16 8.10 -4.88 1.69
CA ARG A 16 9.50 -5.28 1.87
C ARG A 16 10.43 -4.07 1.90
N ASN A 17 10.23 -3.12 0.97
CA ASN A 17 11.02 -1.88 0.91
C ASN A 17 10.74 -1.07 2.15
N GLY A 18 9.49 -1.10 2.55
CA GLY A 18 9.08 -0.37 3.69
C GLY A 18 8.24 0.82 3.30
N ASP A 19 7.93 0.94 2.00
CA ASP A 19 7.10 2.06 1.45
C ASP A 19 5.77 2.07 2.14
N CYS A 20 5.29 0.87 2.38
CA CYS A 20 4.00 0.62 3.01
C CYS A 20 3.92 1.20 4.43
N ASP A 21 5.05 1.35 5.08
CA ASP A 21 5.07 1.88 6.45
C ASP A 21 5.71 3.27 6.47
N ASN A 22 6.28 3.64 5.35
CA ASN A 22 6.98 4.90 5.20
C ASN A 22 5.97 6.02 5.10
N ASP A 23 6.04 6.95 6.04
CA ASP A 23 5.10 8.08 6.13
C ASP A 23 5.03 8.87 4.85
N ASP A 24 6.16 9.00 4.20
CA ASP A 24 6.27 9.81 3.00
C ASP A 24 5.59 9.15 1.82
N LYS A 25 5.41 7.85 1.88
CA LYS A 25 4.74 7.15 0.82
C LYS A 25 3.32 6.76 1.20
N LEU A 26 2.93 7.02 2.46
CA LEU A 26 1.61 6.59 2.97
C LEU A 26 0.44 7.00 2.11
N LEU A 27 0.48 8.22 1.55
CA LEU A 27 -0.56 8.70 0.68
C LEU A 27 -0.78 7.72 -0.45
N GLU A 28 0.30 7.39 -1.13
CA GLU A 28 0.26 6.49 -2.27
C GLU A 28 -0.16 5.12 -1.82
N MET A 29 0.23 4.78 -0.62
CA MET A 29 0.00 3.46 -0.10
C MET A 29 -1.44 3.28 0.31
N GLY A 30 -2.07 4.39 0.65
CA GLY A 30 -3.44 4.38 1.08
C GLY A 30 -4.38 3.95 -0.01
N TYR A 31 -4.08 4.37 -1.22
CA TYR A 31 -4.92 3.99 -2.32
C TYR A 31 -4.38 2.79 -3.07
N TYR A 32 -3.08 2.69 -3.16
CA TYR A 32 -2.46 1.54 -3.82
C TYR A 32 -2.63 0.26 -3.03
N CYS A 33 -2.29 0.27 -1.77
CA CYS A 33 -2.33 -0.94 -0.99
C CYS A 33 -3.09 -0.73 0.33
N PRO A 34 -4.43 -0.53 0.25
CA PRO A 34 -5.25 -0.29 1.41
C PRO A 34 -5.29 -1.47 2.35
N VAL A 35 -5.09 -2.64 1.81
CA VAL A 35 -5.18 -3.84 2.58
C VAL A 35 -3.85 -4.16 3.25
N THR A 36 -2.79 -4.15 2.46
CA THR A 36 -1.45 -4.48 2.92
C THR A 36 -1.00 -3.61 4.12
N CYS A 37 -1.10 -2.31 3.98
CA CYS A 37 -0.64 -1.41 5.01
C CYS A 37 -1.62 -1.33 6.20
N GLY A 38 -2.80 -1.89 6.04
CA GLY A 38 -3.75 -1.92 7.13
C GLY A 38 -4.65 -0.70 7.20
N PHE A 39 -5.19 -0.30 6.07
CA PHE A 39 -6.12 0.80 6.03
C PHE A 39 -7.53 0.25 6.02
N CYS A 40 -7.81 -0.54 5.01
CA CYS A 40 -9.11 -1.11 4.80
C CYS A 40 -8.92 -2.46 4.15
N GLU A 1 -16.69 2.32 -1.12
CA GLU A 1 -15.28 2.24 -1.44
C GLU A 1 -14.81 0.81 -1.20
N HIS A 2 -14.51 0.09 -2.26
CA HIS A 2 -13.97 -1.25 -2.09
C HIS A 2 -12.47 -1.15 -1.98
N CYS A 3 -11.95 -1.54 -0.86
CA CYS A 3 -10.54 -1.46 -0.59
C CYS A 3 -9.82 -2.64 -1.22
N ALA A 4 -9.03 -2.38 -2.22
CA ALA A 4 -8.29 -3.42 -2.89
C ALA A 4 -6.94 -2.91 -3.29
N ASP A 5 -5.91 -3.70 -3.07
CA ASP A 5 -4.56 -3.34 -3.50
C ASP A 5 -4.51 -3.30 -5.03
N GLU A 6 -3.68 -2.45 -5.56
CA GLU A 6 -3.51 -2.29 -6.98
C GLU A 6 -2.93 -3.56 -7.62
N LYS A 7 -3.36 -3.86 -8.83
CA LYS A 7 -2.97 -5.09 -9.49
C LYS A 7 -1.65 -4.96 -10.23
N ASN A 8 -1.32 -3.74 -10.61
CA ASN A 8 -0.07 -3.47 -11.33
C ASN A 8 1.01 -2.97 -10.39
N PHE A 9 0.71 -2.97 -9.12
CA PHE A 9 1.62 -2.51 -8.11
C PHE A 9 1.84 -3.66 -7.17
N ASP A 10 3.04 -3.84 -6.68
CA ASP A 10 3.27 -4.91 -5.77
C ASP A 10 3.40 -4.39 -4.37
N CYS A 11 2.40 -4.64 -3.61
CA CYS A 11 2.33 -4.17 -2.26
C CYS A 11 3.16 -4.98 -1.31
N ARG A 12 3.46 -6.22 -1.67
CA ARG A 12 4.31 -7.05 -0.82
C ARG A 12 5.71 -6.50 -0.84
N ARG A 13 6.17 -6.17 -2.03
CA ARG A 13 7.47 -5.55 -2.26
C ARG A 13 7.57 -4.25 -1.48
N SER A 14 6.55 -3.43 -1.62
CA SER A 14 6.47 -2.15 -0.92
C SER A 14 6.52 -2.35 0.60
N LEU A 15 5.92 -3.42 1.07
CA LEU A 15 5.90 -3.75 2.48
C LEU A 15 7.29 -4.22 2.94
N ARG A 16 7.93 -5.02 2.11
CA ARG A 16 9.27 -5.56 2.40
C ARG A 16 10.35 -4.47 2.39
N ASN A 17 10.18 -3.46 1.57
CA ASN A 17 11.18 -2.39 1.45
C ASN A 17 10.98 -1.28 2.43
N GLY A 18 9.78 -1.11 2.89
CA GLY A 18 9.55 -0.06 3.86
C GLY A 18 8.72 1.07 3.30
N ASP A 19 8.26 0.92 2.07
CA ASP A 19 7.44 1.97 1.41
C ASP A 19 6.10 2.05 2.08
N CYS A 20 5.65 0.91 2.52
CA CYS A 20 4.36 0.76 3.17
C CYS A 20 4.43 1.25 4.63
N ASP A 21 5.64 1.47 5.11
CA ASP A 21 5.85 1.92 6.48
C ASP A 21 6.26 3.39 6.49
N ASN A 22 6.54 3.89 5.32
CA ASN A 22 7.04 5.24 5.17
C ASN A 22 5.89 6.21 5.10
N ASP A 23 5.86 7.16 6.00
CA ASP A 23 4.76 8.10 6.14
C ASP A 23 4.57 8.95 4.88
N ASP A 24 5.67 9.35 4.25
CA ASP A 24 5.60 10.17 3.00
C ASP A 24 4.97 9.38 1.88
N LYS A 25 5.19 8.08 1.90
CA LYS A 25 4.70 7.21 0.86
C LYS A 25 3.29 6.71 1.16
N LEU A 26 2.82 6.93 2.39
CA LEU A 26 1.51 6.42 2.82
C LEU A 26 0.35 6.92 1.97
N LEU A 27 0.46 8.12 1.42
CA LEU A 27 -0.55 8.65 0.54
C LEU A 27 -0.75 7.69 -0.62
N GLU A 28 0.36 7.35 -1.26
CA GLU A 28 0.35 6.45 -2.38
C GLU A 28 -0.07 5.08 -1.92
N MET A 29 0.26 4.75 -0.69
CA MET A 29 -0.03 3.43 -0.16
C MET A 29 -1.50 3.30 0.14
N GLY A 30 -2.17 4.41 0.38
CA GLY A 30 -3.59 4.37 0.68
C GLY A 30 -4.41 4.01 -0.53
N TYR A 31 -3.89 4.28 -1.71
CA TYR A 31 -4.59 3.90 -2.89
C TYR A 31 -3.99 2.72 -3.58
N TYR A 32 -2.70 2.61 -3.53
CA TYR A 32 -2.02 1.46 -4.09
C TYR A 32 -2.19 0.23 -3.22
N CYS A 33 -2.05 0.38 -1.93
CA CYS A 33 -2.05 -0.78 -1.03
C CYS A 33 -2.92 -0.57 0.23
N PRO A 34 -4.24 -0.28 0.07
CA PRO A 34 -5.11 -0.05 1.22
C PRO A 34 -5.26 -1.30 2.08
N VAL A 35 -5.09 -2.44 1.45
CA VAL A 35 -5.26 -3.69 2.14
C VAL A 35 -3.96 -4.12 2.80
N THR A 36 -2.91 -4.23 2.01
CA THR A 36 -1.61 -4.70 2.50
C THR A 36 -1.04 -3.81 3.63
N CYS A 37 -1.22 -2.51 3.51
CA CYS A 37 -0.72 -1.58 4.51
C CYS A 37 -1.65 -1.45 5.73
N GLY A 38 -2.74 -2.22 5.73
CA GLY A 38 -3.60 -2.26 6.89
C GLY A 38 -4.53 -1.06 7.04
N PHE A 39 -4.81 -0.38 5.95
CA PHE A 39 -5.77 0.72 6.02
C PHE A 39 -7.14 0.10 6.18
N CYS A 40 -7.41 -0.83 5.30
CA CYS A 40 -8.63 -1.57 5.27
C CYS A 40 -8.27 -3.05 5.25
N GLU A 1 -13.66 4.40 -1.65
CA GLU A 1 -12.63 3.58 -1.06
C GLU A 1 -12.93 2.13 -1.31
N HIS A 2 -12.19 1.53 -2.19
CA HIS A 2 -12.32 0.12 -2.40
C HIS A 2 -11.12 -0.56 -1.80
N CYS A 3 -11.33 -1.38 -0.82
CA CYS A 3 -10.24 -2.05 -0.18
C CYS A 3 -9.77 -3.23 -0.98
N ALA A 4 -8.93 -2.93 -1.94
CA ALA A 4 -8.32 -3.89 -2.80
C ALA A 4 -7.00 -3.33 -3.26
N ASP A 5 -5.92 -3.99 -2.88
CA ASP A 5 -4.58 -3.63 -3.33
C ASP A 5 -4.50 -3.76 -4.86
N GLU A 6 -3.74 -2.90 -5.49
CA GLU A 6 -3.59 -2.89 -6.92
C GLU A 6 -2.76 -4.10 -7.41
N LYS A 7 -3.15 -4.65 -8.54
CA LYS A 7 -2.50 -5.78 -9.16
C LYS A 7 -1.34 -5.33 -10.03
N ASN A 8 -1.46 -4.14 -10.52
CA ASN A 8 -0.46 -3.53 -11.41
C ASN A 8 0.60 -2.82 -10.61
N PHE A 9 0.62 -3.13 -9.37
CA PHE A 9 1.53 -2.61 -8.42
C PHE A 9 1.84 -3.77 -7.51
N ASP A 10 3.05 -3.90 -7.05
CA ASP A 10 3.31 -5.02 -6.16
C ASP A 10 3.43 -4.57 -4.73
N CYS A 11 2.40 -4.83 -3.98
CA CYS A 11 2.30 -4.43 -2.60
C CYS A 11 3.22 -5.21 -1.67
N ARG A 12 3.73 -6.34 -2.14
CA ARG A 12 4.65 -7.15 -1.33
C ARG A 12 5.93 -6.38 -1.25
N ARG A 13 6.40 -5.99 -2.42
CA ARG A 13 7.58 -5.16 -2.61
C ARG A 13 7.50 -3.92 -1.71
N SER A 14 6.40 -3.20 -1.80
CA SER A 14 6.17 -1.99 -1.02
C SER A 14 6.30 -2.26 0.50
N LEU A 15 5.83 -3.42 0.93
CA LEU A 15 5.86 -3.78 2.34
C LEU A 15 7.26 -4.27 2.75
N ARG A 16 7.89 -4.98 1.85
CA ARG A 16 9.26 -5.49 2.07
C ARG A 16 10.25 -4.34 2.15
N ASN A 17 10.02 -3.33 1.35
CA ASN A 17 10.88 -2.15 1.34
C ASN A 17 10.61 -1.29 2.53
N GLY A 18 9.36 -1.11 2.81
CA GLY A 18 8.98 -0.35 3.97
C GLY A 18 8.30 0.93 3.58
N ASP A 19 8.01 1.07 2.30
CA ASP A 19 7.30 2.25 1.78
C ASP A 19 5.89 2.20 2.29
N CYS A 20 5.42 0.99 2.44
CA CYS A 20 4.07 0.68 2.90
C CYS A 20 3.89 1.02 4.40
N ASP A 21 4.99 1.35 5.08
CA ASP A 21 4.95 1.69 6.50
C ASP A 21 5.40 3.14 6.72
N ASN A 22 5.90 3.74 5.66
CA ASN A 22 6.46 5.09 5.70
C ASN A 22 5.39 6.16 5.47
N ASP A 23 5.35 7.13 6.38
CA ASP A 23 4.35 8.20 6.42
C ASP A 23 4.21 8.96 5.08
N ASP A 24 5.33 9.29 4.44
CA ASP A 24 5.26 10.08 3.20
C ASP A 24 4.78 9.27 2.01
N LYS A 25 4.75 7.97 2.16
CA LYS A 25 4.30 7.11 1.08
C LYS A 25 2.88 6.67 1.31
N LEU A 26 2.38 6.88 2.52
CA LEU A 26 1.10 6.35 2.94
C LEU A 26 -0.08 6.74 2.07
N LEU A 27 -0.16 7.98 1.63
CA LEU A 27 -1.27 8.42 0.82
C LEU A 27 -1.31 7.61 -0.47
N GLU A 28 -0.15 7.44 -1.08
CA GLU A 28 -0.01 6.69 -2.31
C GLU A 28 -0.33 5.23 -2.03
N MET A 29 0.01 4.81 -0.83
CA MET A 29 -0.19 3.43 -0.41
C MET A 29 -1.65 3.20 -0.10
N GLY A 30 -2.35 4.29 0.21
CA GLY A 30 -3.75 4.23 0.54
C GLY A 30 -4.56 3.73 -0.61
N TYR A 31 -4.24 4.18 -1.80
CA TYR A 31 -4.96 3.73 -2.95
C TYR A 31 -4.32 2.53 -3.62
N TYR A 32 -3.01 2.50 -3.63
CA TYR A 32 -2.30 1.36 -4.21
C TYR A 32 -2.36 0.10 -3.37
N CYS A 33 -2.16 0.20 -2.09
CA CYS A 33 -2.11 -0.97 -1.24
C CYS A 33 -2.87 -0.74 0.09
N PRO A 34 -4.20 -0.48 0.04
CA PRO A 34 -4.99 -0.18 1.24
C PRO A 34 -5.03 -1.37 2.20
N VAL A 35 -4.94 -2.55 1.65
CA VAL A 35 -5.07 -3.73 2.44
C VAL A 35 -3.72 -4.15 3.02
N THR A 36 -2.70 -4.17 2.19
CA THR A 36 -1.37 -4.57 2.59
C THR A 36 -0.77 -3.60 3.62
N CYS A 37 -1.04 -2.32 3.45
CA CYS A 37 -0.51 -1.31 4.34
C CYS A 37 -1.38 -1.10 5.58
N GLY A 38 -2.46 -1.86 5.68
CA GLY A 38 -3.25 -1.83 6.90
C GLY A 38 -4.24 -0.70 7.01
N PHE A 39 -4.63 -0.09 5.92
CA PHE A 39 -5.66 0.94 5.96
C PHE A 39 -6.97 0.25 6.18
N CYS A 40 -7.15 -0.81 5.46
CA CYS A 40 -8.30 -1.65 5.57
C CYS A 40 -7.88 -2.92 6.26
N GLU A 1 -16.16 3.36 -3.26
CA GLU A 1 -15.34 2.30 -3.86
C GLU A 1 -14.99 1.29 -2.81
N HIS A 2 -14.62 0.11 -3.23
CA HIS A 2 -14.15 -0.92 -2.33
C HIS A 2 -12.64 -0.84 -2.29
N CYS A 3 -12.10 -0.58 -1.14
CA CYS A 3 -10.67 -0.46 -1.01
C CYS A 3 -9.99 -1.81 -1.01
N ALA A 4 -9.26 -2.06 -2.06
CA ALA A 4 -8.52 -3.28 -2.24
C ALA A 4 -7.20 -2.92 -2.88
N ASP A 5 -6.20 -3.74 -2.67
CA ASP A 5 -4.86 -3.49 -3.23
C ASP A 5 -4.90 -3.57 -4.75
N GLU A 6 -3.97 -2.91 -5.38
CA GLU A 6 -3.87 -2.90 -6.82
C GLU A 6 -3.11 -4.15 -7.27
N LYS A 7 -3.40 -4.62 -8.46
CA LYS A 7 -2.84 -5.87 -8.96
C LYS A 7 -1.48 -5.70 -9.62
N ASN A 8 -1.31 -4.60 -10.29
CA ASN A 8 -0.08 -4.35 -11.02
C ASN A 8 0.92 -3.71 -10.11
N PHE A 9 0.41 -2.98 -9.15
CA PHE A 9 1.26 -2.37 -8.16
C PHE A 9 1.84 -3.46 -7.29
N ASP A 10 3.10 -3.37 -6.97
CA ASP A 10 3.73 -4.38 -6.17
C ASP A 10 3.64 -4.02 -4.69
N CYS A 11 2.61 -4.51 -4.06
CA CYS A 11 2.36 -4.25 -2.66
C CYS A 11 3.35 -5.01 -1.78
N ARG A 12 3.73 -6.21 -2.21
CA ARG A 12 4.59 -7.09 -1.42
C ARG A 12 5.99 -6.52 -1.32
N ARG A 13 6.55 -6.16 -2.45
CA ARG A 13 7.88 -5.60 -2.49
C ARG A 13 7.92 -4.25 -1.80
N SER A 14 6.90 -3.42 -2.01
CA SER A 14 6.83 -2.11 -1.34
C SER A 14 6.78 -2.29 0.20
N LEU A 15 6.09 -3.34 0.63
CA LEU A 15 5.98 -3.69 2.03
C LEU A 15 7.36 -4.12 2.57
N ARG A 16 8.06 -4.91 1.80
CA ARG A 16 9.39 -5.38 2.17
C ARG A 16 10.43 -4.26 2.15
N ASN A 17 10.27 -3.32 1.24
CA ASN A 17 11.21 -2.19 1.11
C ASN A 17 11.12 -1.29 2.30
N GLY A 18 9.91 -0.95 2.65
CA GLY A 18 9.70 0.00 3.70
C GLY A 18 8.86 1.15 3.21
N ASP A 19 8.27 0.99 2.02
CA ASP A 19 7.41 2.02 1.43
C ASP A 19 6.13 2.10 2.21
N CYS A 20 5.73 0.96 2.70
CA CYS A 20 4.48 0.81 3.45
C CYS A 20 4.70 1.21 4.92
N ASP A 21 5.92 1.60 5.24
CA ASP A 21 6.26 2.03 6.58
C ASP A 21 6.66 3.51 6.55
N ASN A 22 6.83 4.04 5.35
CA ASN A 22 7.28 5.41 5.18
C ASN A 22 6.09 6.34 5.17
N ASP A 23 6.12 7.29 6.09
CA ASP A 23 5.07 8.28 6.31
C ASP A 23 4.65 9.01 5.03
N ASP A 24 5.63 9.47 4.25
CA ASP A 24 5.34 10.23 3.02
C ASP A 24 4.64 9.36 2.02
N LYS A 25 5.01 8.10 2.00
CA LYS A 25 4.48 7.17 1.03
C LYS A 25 3.18 6.55 1.47
N LEU A 26 2.81 6.74 2.74
CA LEU A 26 1.58 6.16 3.26
C LEU A 26 0.36 6.60 2.50
N LEU A 27 0.35 7.86 2.04
CA LEU A 27 -0.72 8.38 1.25
C LEU A 27 -0.90 7.53 0.00
N GLU A 28 0.21 7.30 -0.71
CA GLU A 28 0.21 6.51 -1.93
C GLU A 28 -0.18 5.08 -1.63
N MET A 29 0.17 4.64 -0.43
CA MET A 29 -0.10 3.28 -0.01
C MET A 29 -1.56 3.12 0.28
N GLY A 30 -2.20 4.19 0.72
CA GLY A 30 -3.60 4.17 1.05
C GLY A 30 -4.48 3.91 -0.16
N TYR A 31 -4.04 4.31 -1.33
CA TYR A 31 -4.84 4.06 -2.50
C TYR A 31 -4.37 2.87 -3.30
N TYR A 32 -3.07 2.69 -3.38
CA TYR A 32 -2.52 1.55 -4.10
C TYR A 32 -2.66 0.24 -3.33
N CYS A 33 -2.30 0.22 -2.08
CA CYS A 33 -2.35 -1.02 -1.31
C CYS A 33 -2.96 -0.79 0.07
N PRO A 34 -4.27 -0.44 0.13
CA PRO A 34 -4.94 -0.12 1.38
C PRO A 34 -5.04 -1.32 2.29
N VAL A 35 -5.01 -2.49 1.73
CA VAL A 35 -5.14 -3.68 2.51
C VAL A 35 -3.80 -4.13 3.05
N THR A 36 -2.80 -4.16 2.19
CA THR A 36 -1.44 -4.56 2.55
C THR A 36 -0.88 -3.71 3.72
N CYS A 37 -1.16 -2.44 3.69
CA CYS A 37 -0.71 -1.53 4.73
C CYS A 37 -1.69 -1.43 5.91
N GLY A 38 -2.75 -2.22 5.88
CA GLY A 38 -3.67 -2.30 6.99
C GLY A 38 -4.56 -1.08 7.18
N PHE A 39 -4.98 -0.47 6.10
CA PHE A 39 -5.95 0.63 6.19
C PHE A 39 -7.33 0.04 6.18
N CYS A 40 -7.46 -1.00 5.40
CA CYS A 40 -8.69 -1.71 5.24
C CYS A 40 -8.49 -3.13 5.72
N GLU A 1 -17.55 0.12 -3.51
CA GLU A 1 -16.96 0.70 -2.29
C GLU A 1 -15.77 -0.12 -1.84
N HIS A 2 -15.90 -1.46 -1.89
CA HIS A 2 -14.89 -2.39 -1.39
C HIS A 2 -13.50 -2.04 -1.93
N CYS A 3 -12.67 -1.59 -1.03
CA CYS A 3 -11.32 -1.22 -1.34
C CYS A 3 -10.45 -2.45 -1.53
N ALA A 4 -9.62 -2.43 -2.54
CA ALA A 4 -8.75 -3.54 -2.86
C ALA A 4 -7.44 -3.01 -3.36
N ASP A 5 -6.38 -3.72 -3.04
CA ASP A 5 -5.01 -3.39 -3.46
C ASP A 5 -4.89 -3.33 -5.00
N GLU A 6 -4.08 -2.40 -5.49
CA GLU A 6 -3.82 -2.23 -6.89
C GLU A 6 -2.97 -3.40 -7.41
N LYS A 7 -3.33 -3.92 -8.56
CA LYS A 7 -2.63 -5.04 -9.16
C LYS A 7 -1.45 -4.57 -10.00
N ASN A 8 -1.50 -3.31 -10.38
CA ASN A 8 -0.46 -2.67 -11.20
C ASN A 8 0.65 -2.12 -10.32
N PHE A 9 0.67 -2.59 -9.11
CA PHE A 9 1.60 -2.21 -8.12
C PHE A 9 1.88 -3.46 -7.30
N ASP A 10 3.09 -3.64 -6.84
CA ASP A 10 3.35 -4.81 -6.02
C ASP A 10 3.37 -4.45 -4.57
N CYS A 11 2.29 -4.78 -3.93
CA CYS A 11 2.05 -4.44 -2.55
C CYS A 11 3.01 -5.17 -1.60
N ARG A 12 3.44 -6.38 -1.96
CA ARG A 12 4.37 -7.14 -1.10
C ARG A 12 5.70 -6.42 -1.05
N ARG A 13 6.21 -6.09 -2.22
CA ARG A 13 7.49 -5.44 -2.41
C ARG A 13 7.60 -4.17 -1.60
N SER A 14 6.67 -3.26 -1.79
CA SER A 14 6.68 -1.99 -1.10
C SER A 14 6.59 -2.17 0.44
N LEU A 15 5.83 -3.18 0.87
CA LEU A 15 5.66 -3.46 2.29
C LEU A 15 7.02 -3.98 2.83
N ARG A 16 7.67 -4.83 2.04
CA ARG A 16 8.97 -5.39 2.39
C ARG A 16 10.05 -4.32 2.47
N ASN A 17 10.08 -3.42 1.47
CA ASN A 17 11.09 -2.33 1.41
C ASN A 17 10.99 -1.42 2.60
N GLY A 18 9.78 -1.26 3.07
CA GLY A 18 9.56 -0.39 4.17
C GLY A 18 8.96 0.90 3.69
N ASP A 19 8.40 0.86 2.49
CA ASP A 19 7.81 2.05 1.87
C ASP A 19 6.55 2.44 2.58
N CYS A 20 5.87 1.47 3.17
CA CYS A 20 4.63 1.75 3.86
C CYS A 20 4.93 2.22 5.28
N ASP A 21 6.19 2.17 5.65
CA ASP A 21 6.61 2.69 6.93
C ASP A 21 7.16 4.09 6.73
N ASN A 22 7.37 4.44 5.49
CA ASN A 22 7.87 5.75 5.13
C ASN A 22 6.73 6.73 4.95
N ASP A 23 6.77 7.83 5.69
CA ASP A 23 5.73 8.85 5.67
C ASP A 23 5.52 9.42 4.28
N ASP A 24 6.62 9.57 3.55
CA ASP A 24 6.60 10.11 2.17
C ASP A 24 5.80 9.21 1.22
N LYS A 25 5.71 7.94 1.56
CA LYS A 25 5.03 6.97 0.74
C LYS A 25 3.75 6.44 1.36
N LEU A 26 3.30 7.05 2.44
CA LEU A 26 2.08 6.62 3.10
C LEU A 26 0.86 6.76 2.24
N LEU A 27 0.69 7.89 1.57
CA LEU A 27 -0.49 8.10 0.73
C LEU A 27 -0.43 7.13 -0.40
N GLU A 28 0.76 7.00 -0.95
CA GLU A 28 1.03 6.12 -2.07
C GLU A 28 0.66 4.70 -1.70
N MET A 29 0.92 4.34 -0.46
CA MET A 29 0.65 3.01 0.00
C MET A 29 -0.79 2.83 0.33
N GLY A 30 -1.42 3.91 0.70
CA GLY A 30 -2.82 3.89 1.01
C GLY A 30 -3.66 3.80 -0.24
N TYR A 31 -3.32 4.59 -1.25
CA TYR A 31 -4.09 4.57 -2.46
C TYR A 31 -3.80 3.38 -3.33
N TYR A 32 -2.57 2.95 -3.30
CA TYR A 32 -2.20 1.74 -4.03
C TYR A 32 -2.60 0.46 -3.31
N CYS A 33 -2.20 0.29 -2.09
CA CYS A 33 -2.44 -0.97 -1.40
C CYS A 33 -3.10 -0.75 -0.03
N PRO A 34 -4.40 -0.34 0.00
CA PRO A 34 -5.11 -0.02 1.23
C PRO A 34 -5.31 -1.25 2.10
N VAL A 35 -5.34 -2.40 1.49
CA VAL A 35 -5.59 -3.60 2.22
C VAL A 35 -4.30 -4.17 2.78
N THR A 36 -3.24 -4.12 1.98
CA THR A 36 -1.92 -4.63 2.36
C THR A 36 -1.38 -3.96 3.63
N CYS A 37 -1.53 -2.66 3.72
CA CYS A 37 -1.06 -1.97 4.91
C CYS A 37 -2.11 -1.93 6.01
N GLY A 38 -3.22 -2.63 5.79
CA GLY A 38 -4.25 -2.72 6.78
C GLY A 38 -4.92 -1.41 7.10
N PHE A 39 -5.27 -0.66 6.07
CA PHE A 39 -6.05 0.55 6.26
C PHE A 39 -7.50 0.16 6.29
N CYS A 40 -7.88 -0.61 5.30
CA CYS A 40 -9.20 -1.12 5.21
C CYS A 40 -9.15 -2.60 4.81
N GLU A 1 -17.61 1.53 0.15
CA GLU A 1 -16.56 1.38 -0.85
C GLU A 1 -15.67 0.22 -0.43
N HIS A 2 -15.21 -0.55 -1.40
CA HIS A 2 -14.26 -1.62 -1.13
C HIS A 2 -12.91 -1.22 -1.64
N CYS A 3 -11.94 -1.27 -0.79
CA CYS A 3 -10.58 -0.97 -1.16
C CYS A 3 -9.89 -2.20 -1.72
N ALA A 4 -8.94 -1.99 -2.60
CA ALA A 4 -8.18 -3.08 -3.18
C ALA A 4 -6.79 -2.61 -3.51
N ASP A 5 -5.80 -3.43 -3.21
CA ASP A 5 -4.41 -3.14 -3.58
C ASP A 5 -4.30 -3.15 -5.10
N GLU A 6 -3.40 -2.36 -5.62
CA GLU A 6 -3.14 -2.28 -7.02
C GLU A 6 -2.48 -3.58 -7.50
N LYS A 7 -3.01 -4.15 -8.57
CA LYS A 7 -2.52 -5.42 -9.07
C LYS A 7 -1.35 -5.20 -10.00
N ASN A 8 -1.24 -3.99 -10.52
CA ASN A 8 -0.15 -3.60 -11.42
C ASN A 8 1.07 -3.19 -10.62
N PHE A 9 0.97 -3.30 -9.33
CA PHE A 9 1.97 -2.87 -8.40
C PHE A 9 2.26 -4.03 -7.47
N ASP A 10 3.44 -4.08 -6.89
CA ASP A 10 3.71 -5.17 -5.98
C ASP A 10 3.68 -4.69 -4.56
N CYS A 11 2.61 -4.95 -3.92
CA CYS A 11 2.39 -4.54 -2.56
C CYS A 11 3.22 -5.31 -1.57
N ARG A 12 3.58 -6.52 -1.93
CA ARG A 12 4.35 -7.37 -1.05
C ARG A 12 5.77 -6.83 -0.91
N ARG A 13 6.41 -6.62 -2.04
CA ARG A 13 7.76 -6.10 -2.07
C ARG A 13 7.79 -4.69 -1.49
N SER A 14 6.76 -3.90 -1.75
CA SER A 14 6.66 -2.55 -1.19
C SER A 14 6.56 -2.60 0.35
N LEU A 15 5.93 -3.65 0.85
CA LEU A 15 5.81 -3.85 2.29
C LEU A 15 7.17 -4.22 2.86
N ARG A 16 7.89 -5.05 2.12
CA ARG A 16 9.20 -5.53 2.54
C ARG A 16 10.24 -4.40 2.48
N ASN A 17 10.08 -3.50 1.52
CA ASN A 17 11.01 -2.38 1.35
C ASN A 17 10.83 -1.38 2.45
N GLY A 18 9.60 -1.18 2.81
CA GLY A 18 9.30 -0.22 3.81
C GLY A 18 8.50 0.92 3.24
N ASP A 19 8.07 0.77 1.98
CA ASP A 19 7.30 1.79 1.27
C ASP A 19 5.96 1.95 1.92
N CYS A 20 5.40 0.83 2.33
CA CYS A 20 4.09 0.76 2.96
C CYS A 20 4.14 1.32 4.39
N ASP A 21 5.34 1.49 4.90
CA ASP A 21 5.54 2.02 6.25
C ASP A 21 6.13 3.44 6.18
N ASN A 22 6.43 3.88 4.98
CA ASN A 22 7.05 5.19 4.76
C ASN A 22 5.98 6.25 4.87
N ASP A 23 6.14 7.10 5.87
CA ASP A 23 5.17 8.13 6.24
C ASP A 23 4.86 9.07 5.07
N ASP A 24 5.90 9.49 4.35
CA ASP A 24 5.73 10.42 3.24
C ASP A 24 4.95 9.78 2.10
N LYS A 25 5.10 8.48 1.96
CA LYS A 25 4.45 7.76 0.89
C LYS A 25 3.15 7.13 1.31
N LEU A 26 2.83 7.23 2.59
CA LEU A 26 1.59 6.62 3.13
C LEU A 26 0.33 6.92 2.34
N LEU A 27 0.10 8.17 1.96
CA LEU A 27 -1.05 8.54 1.19
C LEU A 27 -1.07 7.77 -0.13
N GLU A 28 0.10 7.74 -0.76
CA GLU A 28 0.30 7.06 -2.02
C GLU A 28 0.07 5.58 -1.83
N MET A 29 0.46 5.10 -0.68
CA MET A 29 0.37 3.69 -0.36
C MET A 29 -1.03 3.34 0.00
N GLY A 30 -1.79 4.35 0.35
CA GLY A 30 -3.17 4.21 0.69
C GLY A 30 -4.02 3.91 -0.52
N TYR A 31 -3.53 4.26 -1.69
CA TYR A 31 -4.23 3.90 -2.89
C TYR A 31 -3.59 2.76 -3.61
N TYR A 32 -2.28 2.71 -3.56
CA TYR A 32 -1.56 1.58 -4.11
C TYR A 32 -1.81 0.31 -3.35
N CYS A 33 -1.71 0.35 -2.05
CA CYS A 33 -1.88 -0.84 -1.26
C CYS A 33 -2.67 -0.57 0.03
N PRO A 34 -3.97 -0.16 -0.07
CA PRO A 34 -4.81 0.14 1.10
C PRO A 34 -5.00 -1.07 1.99
N VAL A 35 -4.95 -2.23 1.37
CA VAL A 35 -5.20 -3.45 2.06
C VAL A 35 -3.94 -3.94 2.74
N THR A 36 -2.85 -3.93 2.00
CA THR A 36 -1.55 -4.36 2.51
C THR A 36 -1.10 -3.51 3.71
N CYS A 37 -1.30 -2.21 3.62
CA CYS A 37 -0.93 -1.30 4.70
C CYS A 37 -1.96 -1.29 5.83
N GLY A 38 -3.09 -1.95 5.62
CA GLY A 38 -4.08 -2.11 6.65
C GLY A 38 -4.94 -0.89 6.91
N PHE A 39 -5.33 -0.20 5.86
CA PHE A 39 -6.25 0.93 6.00
C PHE A 39 -7.64 0.40 6.18
N CYS A 40 -7.88 -0.72 5.55
CA CYS A 40 -9.14 -1.40 5.55
C CYS A 40 -8.91 -2.90 5.42
N GLU A 1 -15.91 2.51 -1.74
CA GLU A 1 -15.40 1.70 -2.82
C GLU A 1 -14.91 0.39 -2.28
N HIS A 2 -14.43 -0.47 -3.14
CA HIS A 2 -13.88 -1.72 -2.71
C HIS A 2 -12.41 -1.53 -2.42
N CYS A 3 -12.05 -1.64 -1.17
CA CYS A 3 -10.68 -1.51 -0.76
C CYS A 3 -9.87 -2.73 -1.19
N ALA A 4 -9.07 -2.56 -2.21
CA ALA A 4 -8.26 -3.61 -2.73
C ALA A 4 -6.91 -3.08 -3.11
N ASP A 5 -5.89 -3.87 -2.88
CA ASP A 5 -4.54 -3.52 -3.29
C ASP A 5 -4.48 -3.45 -4.81
N GLU A 6 -3.75 -2.50 -5.33
CA GLU A 6 -3.66 -2.28 -6.74
C GLU A 6 -2.88 -3.40 -7.42
N LYS A 7 -3.22 -3.66 -8.65
CA LYS A 7 -2.64 -4.72 -9.44
C LYS A 7 -1.36 -4.29 -10.14
N ASN A 8 -1.24 -3.00 -10.36
CA ASN A 8 -0.06 -2.43 -11.06
C ASN A 8 0.96 -1.97 -10.06
N PHE A 9 0.68 -2.17 -8.83
CA PHE A 9 1.55 -1.76 -7.78
C PHE A 9 1.90 -2.98 -6.99
N ASP A 10 3.15 -3.14 -6.61
CA ASP A 10 3.54 -4.33 -5.88
C ASP A 10 3.48 -4.07 -4.40
N CYS A 11 2.46 -4.56 -3.79
CA CYS A 11 2.19 -4.33 -2.39
C CYS A 11 3.09 -5.14 -1.48
N ARG A 12 3.54 -6.28 -1.95
CA ARG A 12 4.38 -7.12 -1.12
C ARG A 12 5.77 -6.52 -1.03
N ARG A 13 6.27 -6.07 -2.17
CA ARG A 13 7.56 -5.43 -2.28
C ARG A 13 7.57 -4.16 -1.43
N SER A 14 6.53 -3.37 -1.58
CA SER A 14 6.39 -2.13 -0.84
C SER A 14 6.37 -2.37 0.68
N LEU A 15 5.79 -3.47 1.09
CA LEU A 15 5.71 -3.80 2.49
C LEU A 15 7.07 -4.22 3.02
N ARG A 16 7.75 -5.06 2.26
CA ARG A 16 9.04 -5.59 2.66
C ARG A 16 10.14 -4.54 2.63
N ASN A 17 10.07 -3.63 1.68
CA ASN A 17 11.07 -2.54 1.59
C ASN A 17 10.82 -1.47 2.60
N GLY A 18 9.58 -1.35 3.01
CA GLY A 18 9.26 -0.37 4.01
C GLY A 18 8.57 0.83 3.43
N ASP A 19 8.24 0.75 2.15
CA ASP A 19 7.52 1.82 1.45
C ASP A 19 6.16 1.98 2.05
N CYS A 20 5.61 0.84 2.44
CA CYS A 20 4.30 0.76 3.07
C CYS A 20 4.23 1.61 4.35
N ASP A 21 5.36 1.74 5.00
CA ASP A 21 5.44 2.45 6.28
C ASP A 21 6.13 3.81 6.11
N ASN A 22 6.69 4.04 4.95
CA ASN A 22 7.49 5.26 4.71
C ASN A 22 6.59 6.45 4.49
N ASP A 23 6.89 7.54 5.20
CA ASP A 23 6.08 8.76 5.23
C ASP A 23 5.75 9.29 3.85
N ASP A 24 6.75 9.39 2.99
CA ASP A 24 6.57 9.89 1.61
C ASP A 24 5.63 9.02 0.80
N LYS A 25 5.49 7.79 1.19
CA LYS A 25 4.72 6.85 0.41
C LYS A 25 3.33 6.64 1.00
N LEU A 26 3.14 7.04 2.25
CA LEU A 26 1.91 6.76 3.01
C LEU A 26 0.60 7.07 2.29
N LEU A 27 0.47 8.26 1.74
CA LEU A 27 -0.75 8.68 1.06
C LEU A 27 -1.02 7.74 -0.10
N GLU A 28 0.05 7.43 -0.82
CA GLU A 28 0.00 6.53 -1.95
C GLU A 28 -0.36 5.14 -1.51
N MET A 29 0.10 4.78 -0.34
CA MET A 29 -0.11 3.44 0.19
C MET A 29 -1.56 3.26 0.57
N GLY A 30 -2.22 4.36 0.87
CA GLY A 30 -3.61 4.34 1.27
C GLY A 30 -4.52 3.95 0.13
N TYR A 31 -4.08 4.20 -1.10
CA TYR A 31 -4.86 3.81 -2.25
C TYR A 31 -4.26 2.67 -3.02
N TYR A 32 -2.96 2.63 -3.07
CA TYR A 32 -2.27 1.53 -3.73
C TYR A 32 -2.41 0.23 -2.98
N CYS A 33 -2.18 0.24 -1.69
CA CYS A 33 -2.26 -0.99 -0.95
C CYS A 33 -3.00 -0.80 0.38
N PRO A 34 -4.33 -0.57 0.32
CA PRO A 34 -5.13 -0.35 1.51
C PRO A 34 -5.26 -1.61 2.34
N VAL A 35 -5.11 -2.73 1.69
CA VAL A 35 -5.26 -3.99 2.33
C VAL A 35 -3.93 -4.44 2.96
N THR A 36 -2.89 -4.44 2.16
CA THR A 36 -1.57 -4.88 2.60
C THR A 36 -1.02 -4.01 3.75
N CYS A 37 -1.30 -2.73 3.72
CA CYS A 37 -0.82 -1.83 4.75
C CYS A 37 -1.82 -1.68 5.92
N GLY A 38 -2.92 -2.42 5.88
CA GLY A 38 -3.86 -2.42 6.98
C GLY A 38 -4.70 -1.15 7.12
N PHE A 39 -5.23 -0.66 6.04
CA PHE A 39 -6.15 0.48 6.09
C PHE A 39 -7.56 -0.07 6.13
N CYS A 40 -7.77 -1.05 5.30
CA CYS A 40 -9.05 -1.67 5.17
C CYS A 40 -8.83 -3.16 5.04
N GLU A 1 -18.11 -0.92 -2.87
CA GLU A 1 -16.76 -0.42 -3.05
C GLU A 1 -15.85 -1.12 -2.06
N HIS A 2 -15.05 -2.06 -2.53
CA HIS A 2 -14.13 -2.72 -1.63
C HIS A 2 -12.75 -2.17 -1.84
N CYS A 3 -12.17 -1.63 -0.80
CA CYS A 3 -10.80 -1.15 -0.86
C CYS A 3 -9.88 -2.31 -1.19
N ALA A 4 -9.14 -2.19 -2.26
CA ALA A 4 -8.31 -3.26 -2.71
C ALA A 4 -6.98 -2.75 -3.17
N ASP A 5 -5.94 -3.50 -2.87
CA ASP A 5 -4.59 -3.16 -3.31
C ASP A 5 -4.51 -3.14 -4.84
N GLU A 6 -3.68 -2.28 -5.35
CA GLU A 6 -3.47 -2.14 -6.77
C GLU A 6 -2.75 -3.38 -7.31
N LYS A 7 -3.26 -3.90 -8.42
CA LYS A 7 -2.70 -5.10 -9.04
C LYS A 7 -1.49 -4.78 -9.87
N ASN A 8 -1.43 -3.54 -10.31
CA ASN A 8 -0.32 -3.02 -11.11
C ASN A 8 0.79 -2.52 -10.21
N PHE A 9 0.75 -2.94 -8.99
CA PHE A 9 1.65 -2.55 -7.96
C PHE A 9 1.94 -3.81 -7.16
N ASP A 10 3.17 -4.04 -6.78
CA ASP A 10 3.46 -5.17 -5.92
C ASP A 10 3.72 -4.64 -4.53
N CYS A 11 2.68 -4.53 -3.76
CA CYS A 11 2.82 -3.98 -2.43
C CYS A 11 3.35 -4.99 -1.44
N ARG A 12 3.49 -6.23 -1.87
CA ARG A 12 4.13 -7.24 -1.07
C ARG A 12 5.58 -6.84 -0.90
N ARG A 13 6.23 -6.55 -2.03
CA ARG A 13 7.62 -6.09 -2.06
C ARG A 13 7.74 -4.77 -1.33
N SER A 14 6.82 -3.85 -1.58
CA SER A 14 6.80 -2.56 -0.93
C SER A 14 6.70 -2.70 0.60
N LEU A 15 6.02 -3.73 1.05
CA LEU A 15 5.88 -4.00 2.47
C LEU A 15 7.14 -4.65 3.02
N ARG A 16 7.70 -5.58 2.25
CA ARG A 16 8.95 -6.25 2.62
C ARG A 16 10.08 -5.25 2.73
N ASN A 17 10.07 -4.27 1.84
CA ASN A 17 11.09 -3.24 1.83
C ASN A 17 10.86 -2.20 2.91
N GLY A 18 9.64 -1.68 2.97
CA GLY A 18 9.32 -0.68 3.96
C GLY A 18 8.64 0.53 3.36
N ASP A 19 8.48 0.53 2.05
CA ASP A 19 7.84 1.63 1.33
C ASP A 19 6.40 1.79 1.76
N CYS A 20 5.77 0.66 1.99
CA CYS A 20 4.37 0.58 2.41
C CYS A 20 4.18 1.08 3.86
N ASP A 21 5.26 1.31 4.56
CA ASP A 21 5.19 1.78 5.95
C ASP A 21 5.80 3.17 6.08
N ASN A 22 6.42 3.62 5.02
CA ASN A 22 7.12 4.89 5.01
C ASN A 22 6.14 6.04 4.96
N ASP A 23 6.18 6.88 6.00
CA ASP A 23 5.27 8.02 6.21
C ASP A 23 5.21 8.91 4.99
N ASP A 24 6.36 9.14 4.38
CA ASP A 24 6.47 10.00 3.21
C ASP A 24 5.60 9.50 2.05
N LYS A 25 5.53 8.22 1.87
CA LYS A 25 4.83 7.65 0.75
C LYS A 25 3.44 7.13 1.13
N LEU A 26 3.05 7.29 2.39
CA LEU A 26 1.77 6.78 2.88
C LEU A 26 0.57 7.31 2.12
N LEU A 27 0.62 8.57 1.69
CA LEU A 27 -0.45 9.17 0.94
C LEU A 27 -0.73 8.33 -0.30
N GLU A 28 0.33 8.02 -1.04
CA GLU A 28 0.22 7.22 -2.23
C GLU A 28 -0.23 5.83 -1.90
N MET A 29 0.20 5.35 -0.76
CA MET A 29 -0.06 3.99 -0.38
C MET A 29 -1.47 3.81 0.09
N GLY A 30 -2.09 4.90 0.49
CA GLY A 30 -3.46 4.85 0.96
C GLY A 30 -4.41 4.53 -0.15
N TYR A 31 -4.15 5.08 -1.32
CA TYR A 31 -4.99 4.78 -2.45
C TYR A 31 -4.49 3.59 -3.23
N TYR A 32 -3.19 3.47 -3.33
CA TYR A 32 -2.59 2.33 -4.01
C TYR A 32 -2.83 1.01 -3.31
N CYS A 33 -2.44 0.91 -2.07
CA CYS A 33 -2.59 -0.33 -1.36
C CYS A 33 -3.14 -0.14 0.04
N PRO A 34 -4.47 0.03 0.15
CA PRO A 34 -5.12 0.27 1.42
C PRO A 34 -5.16 -0.99 2.27
N VAL A 35 -5.02 -2.11 1.64
CA VAL A 35 -5.10 -3.35 2.35
C VAL A 35 -3.73 -3.71 2.91
N THR A 36 -2.74 -3.78 2.04
CA THR A 36 -1.39 -4.12 2.42
C THR A 36 -0.79 -3.15 3.45
N CYS A 37 -1.04 -1.88 3.28
CA CYS A 37 -0.49 -0.88 4.16
C CYS A 37 -1.33 -0.64 5.44
N GLY A 38 -2.31 -1.52 5.67
CA GLY A 38 -3.04 -1.49 6.91
C GLY A 38 -4.05 -0.36 7.05
N PHE A 39 -4.75 -0.06 6.00
CA PHE A 39 -5.81 0.93 6.08
C PHE A 39 -7.13 0.20 6.25
N CYS A 40 -7.23 -0.92 5.57
CA CYS A 40 -8.38 -1.78 5.64
C CYS A 40 -8.03 -3.17 5.08
N GLU A 1 -17.39 -0.17 -3.89
CA GLU A 1 -16.22 -1.02 -3.97
C GLU A 1 -15.58 -1.12 -2.62
N HIS A 2 -14.96 -2.22 -2.37
CA HIS A 2 -14.19 -2.37 -1.18
C HIS A 2 -12.79 -1.94 -1.50
N CYS A 3 -12.24 -1.09 -0.67
CA CYS A 3 -10.88 -0.61 -0.84
C CYS A 3 -9.91 -1.78 -0.87
N ALA A 4 -9.29 -1.98 -2.00
CA ALA A 4 -8.41 -3.09 -2.19
C ALA A 4 -7.14 -2.62 -2.85
N ASP A 5 -6.09 -3.38 -2.66
CA ASP A 5 -4.78 -3.07 -3.22
C ASP A 5 -4.82 -3.10 -4.75
N GLU A 6 -4.05 -2.23 -5.35
CA GLU A 6 -3.91 -2.17 -6.78
C GLU A 6 -3.14 -3.43 -7.17
N LYS A 7 -3.69 -4.23 -8.06
CA LYS A 7 -3.12 -5.55 -8.34
C LYS A 7 -1.92 -5.52 -9.26
N ASN A 8 -1.78 -4.46 -10.02
CA ASN A 8 -0.66 -4.34 -10.95
C ASN A 8 0.55 -3.86 -10.20
N PHE A 9 0.29 -3.22 -9.09
CA PHE A 9 1.30 -2.71 -8.21
C PHE A 9 1.78 -3.84 -7.33
N ASP A 10 3.06 -3.88 -7.04
CA ASP A 10 3.54 -4.94 -6.19
C ASP A 10 3.52 -4.45 -4.75
N CYS A 11 2.48 -4.81 -4.07
CA CYS A 11 2.27 -4.39 -2.70
C CYS A 11 3.19 -5.12 -1.75
N ARG A 12 3.66 -6.29 -2.16
CA ARG A 12 4.49 -7.10 -1.29
C ARG A 12 5.87 -6.49 -1.22
N ARG A 13 6.37 -6.09 -2.37
CA ARG A 13 7.65 -5.41 -2.52
C ARG A 13 7.63 -4.16 -1.67
N SER A 14 6.56 -3.41 -1.82
CA SER A 14 6.36 -2.17 -1.12
C SER A 14 6.34 -2.39 0.41
N LEU A 15 5.84 -3.52 0.84
CA LEU A 15 5.79 -3.81 2.25
C LEU A 15 7.15 -4.23 2.76
N ARG A 16 7.86 -5.00 1.96
CA ARG A 16 9.18 -5.49 2.31
C ARG A 16 10.22 -4.36 2.30
N ASN A 17 10.07 -3.43 1.37
CA ASN A 17 10.99 -2.29 1.29
C ASN A 17 10.75 -1.37 2.45
N GLY A 18 9.49 -1.13 2.72
CA GLY A 18 9.11 -0.24 3.75
C GLY A 18 8.32 0.92 3.20
N ASP A 19 8.06 0.89 1.89
CA ASP A 19 7.29 1.95 1.20
C ASP A 19 5.91 2.04 1.82
N CYS A 20 5.38 0.86 2.07
CA CYS A 20 4.04 0.66 2.59
C CYS A 20 4.01 0.89 4.11
N ASP A 21 5.16 1.15 4.70
CA ASP A 21 5.27 1.32 6.14
C ASP A 21 5.83 2.70 6.49
N ASN A 22 6.29 3.40 5.48
CA ASN A 22 6.91 4.70 5.66
C ASN A 22 5.83 5.75 5.63
N ASP A 23 5.79 6.55 6.67
CA ASP A 23 4.81 7.64 6.83
C ASP A 23 4.83 8.60 5.64
N ASP A 24 6.01 8.84 5.12
CA ASP A 24 6.19 9.77 3.99
C ASP A 24 5.56 9.22 2.71
N LYS A 25 5.52 7.90 2.59
CA LYS A 25 5.00 7.25 1.41
C LYS A 25 3.57 6.76 1.61
N LEU A 26 2.99 7.00 2.77
CA LEU A 26 1.67 6.48 3.08
C LEU A 26 0.55 7.00 2.19
N LEU A 27 0.59 8.27 1.80
CA LEU A 27 -0.43 8.84 0.97
C LEU A 27 -0.47 8.07 -0.34
N GLU A 28 0.70 7.88 -0.90
CA GLU A 28 0.85 7.16 -2.15
C GLU A 28 0.42 5.71 -1.98
N MET A 29 0.69 5.19 -0.82
CA MET A 29 0.45 3.80 -0.57
C MET A 29 -0.99 3.55 -0.18
N GLY A 30 -1.70 4.61 0.10
CA GLY A 30 -3.09 4.50 0.44
C GLY A 30 -3.93 4.25 -0.79
N TYR A 31 -3.55 4.86 -1.90
CA TYR A 31 -4.26 4.60 -3.13
C TYR A 31 -3.74 3.37 -3.82
N TYR A 32 -2.51 3.08 -3.60
CA TYR A 32 -1.91 1.86 -4.14
C TYR A 32 -2.28 0.62 -3.35
N CYS A 33 -1.94 0.54 -2.10
CA CYS A 33 -2.19 -0.67 -1.36
C CYS A 33 -2.83 -0.37 0.00
N PRO A 34 -4.14 0.01 0.01
CA PRO A 34 -4.84 0.35 1.25
C PRO A 34 -4.95 -0.83 2.19
N VAL A 35 -4.92 -2.01 1.67
CA VAL A 35 -5.06 -3.18 2.49
C VAL A 35 -3.71 -3.59 3.04
N THR A 36 -2.73 -3.70 2.17
CA THR A 36 -1.38 -4.12 2.53
C THR A 36 -0.77 -3.17 3.59
N CYS A 37 -1.05 -1.90 3.44
CA CYS A 37 -0.52 -0.89 4.34
C CYS A 37 -1.41 -0.67 5.55
N GLY A 38 -2.39 -1.55 5.74
CA GLY A 38 -3.19 -1.53 6.95
C GLY A 38 -4.23 -0.42 7.06
N PHE A 39 -4.61 0.18 5.95
CA PHE A 39 -5.65 1.21 5.98
C PHE A 39 -7.00 0.53 6.06
N CYS A 40 -7.12 -0.51 5.28
CA CYS A 40 -8.32 -1.30 5.23
C CYS A 40 -8.01 -2.67 5.80
N GLU A 1 -16.85 1.78 -3.63
CA GLU A 1 -15.76 1.17 -4.38
C GLU A 1 -15.49 -0.23 -3.87
N HIS A 2 -14.58 -0.89 -4.52
CA HIS A 2 -14.11 -2.16 -4.07
C HIS A 2 -12.76 -1.93 -3.42
N CYS A 3 -12.71 -2.11 -2.14
CA CYS A 3 -11.52 -1.84 -1.39
C CYS A 3 -10.60 -3.02 -1.44
N ALA A 4 -9.70 -2.95 -2.35
CA ALA A 4 -8.73 -3.98 -2.59
C ALA A 4 -7.48 -3.35 -3.12
N ASP A 5 -6.34 -3.92 -2.75
CA ASP A 5 -5.02 -3.42 -3.19
C ASP A 5 -4.94 -3.39 -4.69
N GLU A 6 -4.19 -2.45 -5.22
CA GLU A 6 -4.09 -2.26 -6.63
C GLU A 6 -3.28 -3.38 -7.28
N LYS A 7 -3.67 -3.72 -8.50
CA LYS A 7 -3.09 -4.82 -9.24
C LYS A 7 -1.84 -4.37 -9.98
N ASN A 8 -1.78 -3.09 -10.24
CA ASN A 8 -0.66 -2.49 -10.99
C ASN A 8 0.44 -2.10 -10.03
N PHE A 9 0.27 -2.44 -8.80
CA PHE A 9 1.19 -2.09 -7.78
C PHE A 9 1.52 -3.35 -7.02
N ASP A 10 2.75 -3.50 -6.59
CA ASP A 10 3.11 -4.68 -5.85
C ASP A 10 3.19 -4.33 -4.39
N CYS A 11 2.17 -4.67 -3.69
CA CYS A 11 2.03 -4.32 -2.31
C CYS A 11 2.95 -5.10 -1.40
N ARG A 12 3.34 -6.29 -1.80
CA ARG A 12 4.23 -7.10 -0.97
C ARG A 12 5.64 -6.53 -1.00
N ARG A 13 6.13 -6.25 -2.20
CA ARG A 13 7.46 -5.69 -2.40
C ARG A 13 7.59 -4.34 -1.72
N SER A 14 6.57 -3.53 -1.86
CA SER A 14 6.57 -2.20 -1.28
C SER A 14 6.57 -2.27 0.26
N LEU A 15 5.78 -3.21 0.79
CA LEU A 15 5.69 -3.42 2.23
C LEU A 15 7.03 -3.89 2.79
N ARG A 16 7.65 -4.82 2.09
CA ARG A 16 8.92 -5.38 2.51
C ARG A 16 10.09 -4.39 2.35
N ASN A 17 9.97 -3.49 1.39
CA ASN A 17 11.01 -2.46 1.19
C ASN A 17 10.90 -1.36 2.20
N GLY A 18 9.71 -1.07 2.60
CA GLY A 18 9.52 -0.06 3.61
C GLY A 18 8.76 1.13 3.11
N ASP A 19 8.06 0.96 1.99
CA ASP A 19 7.25 2.04 1.40
C ASP A 19 6.11 2.44 2.29
N CYS A 20 5.55 1.48 2.99
CA CYS A 20 4.40 1.75 3.82
C CYS A 20 4.86 2.24 5.21
N ASP A 21 6.17 2.27 5.38
CA ASP A 21 6.80 2.78 6.59
C ASP A 21 7.41 4.13 6.29
N ASN A 22 7.41 4.46 5.03
CA ASN A 22 8.00 5.68 4.54
C ASN A 22 6.96 6.78 4.61
N ASP A 23 7.20 7.78 5.43
CA ASP A 23 6.26 8.90 5.63
C ASP A 23 5.93 9.60 4.34
N ASP A 24 6.92 9.75 3.47
CA ASP A 24 6.74 10.43 2.20
C ASP A 24 5.86 9.62 1.26
N LYS A 25 5.81 8.33 1.46
CA LYS A 25 5.03 7.46 0.61
C LYS A 25 3.76 6.93 1.30
N LEU A 26 3.42 7.45 2.47
CA LEU A 26 2.24 6.96 3.19
C LEU A 26 0.94 7.11 2.42
N LEU A 27 0.71 8.28 1.85
CA LEU A 27 -0.47 8.53 1.06
C LEU A 27 -0.51 7.57 -0.10
N GLU A 28 0.64 7.50 -0.77
CA GLU A 28 0.85 6.69 -1.96
C GLU A 28 0.50 5.24 -1.63
N MET A 29 0.84 4.83 -0.43
CA MET A 29 0.70 3.45 -0.02
C MET A 29 -0.68 3.14 0.48
N GLY A 30 -1.32 4.14 1.01
CA GLY A 30 -2.63 3.95 1.56
C GLY A 30 -3.67 3.74 0.50
N TYR A 31 -3.52 4.36 -0.66
CA TYR A 31 -4.49 4.11 -1.69
C TYR A 31 -4.11 2.96 -2.57
N TYR A 32 -2.83 2.80 -2.81
CA TYR A 32 -2.37 1.66 -3.59
C TYR A 32 -2.55 0.34 -2.86
N CYS A 33 -2.25 0.33 -1.57
CA CYS A 33 -2.31 -0.90 -0.81
C CYS A 33 -3.06 -0.72 0.54
N PRO A 34 -4.38 -0.41 0.49
CA PRO A 34 -5.15 -0.18 1.70
C PRO A 34 -5.31 -1.47 2.51
N VAL A 35 -5.32 -2.57 1.82
CA VAL A 35 -5.55 -3.84 2.44
C VAL A 35 -4.27 -4.46 2.97
N THR A 36 -3.24 -4.51 2.12
CA THR A 36 -1.95 -5.10 2.50
C THR A 36 -1.32 -4.42 3.73
N CYS A 37 -1.45 -3.11 3.85
CA CYS A 37 -0.91 -2.44 5.03
C CYS A 37 -1.83 -2.61 6.24
N GLY A 38 -3.10 -2.87 6.01
CA GLY A 38 -4.01 -3.07 7.12
C GLY A 38 -4.78 -1.82 7.48
N PHE A 39 -5.22 -1.08 6.48
CA PHE A 39 -6.08 0.08 6.70
C PHE A 39 -7.51 -0.37 6.49
N CYS A 40 -7.67 -1.20 5.51
CA CYS A 40 -8.94 -1.69 5.07
C CYS A 40 -9.07 -3.14 5.49
N GLU A 1 -14.43 2.91 -3.06
CA GLU A 1 -14.53 2.47 -1.67
C GLU A 1 -13.89 1.10 -1.48
N HIS A 2 -13.87 0.26 -2.55
CA HIS A 2 -13.43 -1.12 -2.45
C HIS A 2 -12.01 -1.19 -2.01
N CYS A 3 -11.85 -1.68 -0.84
CA CYS A 3 -10.56 -1.81 -0.25
C CYS A 3 -9.90 -3.07 -0.78
N ALA A 4 -9.07 -2.88 -1.75
CA ALA A 4 -8.33 -3.93 -2.40
C ALA A 4 -7.04 -3.36 -2.95
N ASP A 5 -5.94 -4.07 -2.75
CA ASP A 5 -4.63 -3.64 -3.25
C ASP A 5 -4.59 -3.66 -4.78
N GLU A 6 -3.89 -2.70 -5.35
CA GLU A 6 -3.69 -2.58 -6.78
C GLU A 6 -2.82 -3.74 -7.28
N LYS A 7 -3.15 -4.27 -8.44
CA LYS A 7 -2.44 -5.38 -9.02
C LYS A 7 -1.21 -4.91 -9.80
N ASN A 8 -1.28 -3.67 -10.22
CA ASN A 8 -0.22 -3.03 -11.02
C ASN A 8 0.85 -2.42 -10.12
N PHE A 9 0.81 -2.81 -8.90
CA PHE A 9 1.69 -2.35 -7.91
C PHE A 9 2.00 -3.55 -7.06
N ASP A 10 3.24 -3.79 -6.75
CA ASP A 10 3.53 -4.96 -5.95
C ASP A 10 3.55 -4.55 -4.49
N CYS A 11 2.43 -4.76 -3.84
CA CYS A 11 2.26 -4.35 -2.47
C CYS A 11 3.13 -5.12 -1.52
N ARG A 12 3.43 -6.37 -1.84
CA ARG A 12 4.28 -7.19 -0.99
C ARG A 12 5.69 -6.68 -1.02
N ARG A 13 6.19 -6.42 -2.21
CA ARG A 13 7.53 -5.86 -2.41
C ARG A 13 7.63 -4.51 -1.70
N SER A 14 6.59 -3.71 -1.82
CA SER A 14 6.54 -2.41 -1.18
C SER A 14 6.56 -2.55 0.36
N LEU A 15 5.96 -3.62 0.85
CA LEU A 15 5.91 -3.87 2.26
C LEU A 15 7.28 -4.36 2.74
N ARG A 16 7.88 -5.23 1.95
CA ARG A 16 9.21 -5.80 2.23
C ARG A 16 10.31 -4.74 2.23
N ASN A 17 10.13 -3.71 1.42
CA ASN A 17 11.11 -2.62 1.35
C ASN A 17 10.89 -1.57 2.41
N GLY A 18 9.64 -1.19 2.64
CA GLY A 18 9.37 -0.18 3.64
C GLY A 18 8.46 0.91 3.12
N ASP A 19 8.13 0.83 1.83
CA ASP A 19 7.31 1.84 1.13
C ASP A 19 5.95 1.92 1.75
N CYS A 20 5.44 0.77 2.10
CA CYS A 20 4.09 0.63 2.59
C CYS A 20 3.94 1.07 4.06
N ASP A 21 5.06 1.29 4.71
CA ASP A 21 5.05 1.69 6.12
C ASP A 21 5.57 3.11 6.29
N ASN A 22 6.06 3.66 5.21
CA ASN A 22 6.66 4.98 5.22
C ASN A 22 5.56 6.04 5.19
N ASP A 23 5.48 6.81 6.26
CA ASP A 23 4.42 7.83 6.47
C ASP A 23 4.35 8.82 5.32
N ASP A 24 5.49 9.21 4.81
CA ASP A 24 5.57 10.21 3.75
C ASP A 24 5.11 9.68 2.41
N LYS A 25 4.95 8.38 2.31
CA LYS A 25 4.51 7.78 1.06
C LYS A 25 3.14 7.16 1.24
N LEU A 26 2.62 7.24 2.45
CA LEU A 26 1.32 6.64 2.79
C LEU A 26 0.15 7.10 1.94
N LEU A 27 0.12 8.36 1.51
CA LEU A 27 -0.94 8.86 0.69
C LEU A 27 -1.00 8.00 -0.57
N GLU A 28 0.16 7.86 -1.19
CA GLU A 28 0.31 7.10 -2.38
C GLU A 28 0.05 5.61 -2.11
N MET A 29 0.38 5.18 -0.91
CA MET A 29 0.26 3.79 -0.56
C MET A 29 -1.15 3.42 -0.20
N GLY A 30 -1.95 4.40 0.10
CA GLY A 30 -3.32 4.14 0.47
C GLY A 30 -4.16 3.83 -0.73
N TYR A 31 -3.94 4.54 -1.83
CA TYR A 31 -4.67 4.23 -3.02
C TYR A 31 -4.09 3.04 -3.74
N TYR A 32 -2.81 2.88 -3.63
CA TYR A 32 -2.17 1.71 -4.19
C TYR A 32 -2.43 0.44 -3.39
N CYS A 33 -2.14 0.45 -2.11
CA CYS A 33 -2.29 -0.77 -1.34
C CYS A 33 -2.99 -0.50 0.00
N PRO A 34 -4.33 -0.33 0.00
CA PRO A 34 -5.09 -0.05 1.21
C PRO A 34 -5.13 -1.26 2.15
N VAL A 35 -4.97 -2.43 1.58
CA VAL A 35 -5.05 -3.63 2.36
C VAL A 35 -3.69 -3.97 2.96
N THR A 36 -2.67 -3.99 2.12
CA THR A 36 -1.33 -4.32 2.56
C THR A 36 -0.78 -3.31 3.59
N CYS A 37 -1.10 -2.05 3.40
CA CYS A 37 -0.65 -1.00 4.30
C CYS A 37 -1.55 -0.86 5.54
N GLY A 38 -2.51 -1.76 5.66
CA GLY A 38 -3.33 -1.84 6.85
C GLY A 38 -4.30 -0.71 7.04
N PHE A 39 -5.02 -0.35 6.01
CA PHE A 39 -6.05 0.65 6.18
C PHE A 39 -7.34 -0.05 6.58
N CYS A 40 -7.54 -1.23 6.03
CA CYS A 40 -8.73 -2.01 6.34
C CYS A 40 -8.30 -3.31 7.02
N GLU A 1 -15.81 2.21 -4.25
CA GLU A 1 -15.06 2.64 -3.07
C GLU A 1 -14.38 1.46 -2.39
N HIS A 2 -14.49 0.27 -2.97
CA HIS A 2 -13.90 -0.89 -2.38
C HIS A 2 -12.40 -0.75 -2.38
N CYS A 3 -11.86 -0.58 -1.21
CA CYS A 3 -10.44 -0.41 -1.06
C CYS A 3 -9.75 -1.77 -0.97
N ALA A 4 -9.03 -2.10 -2.00
CA ALA A 4 -8.29 -3.33 -2.08
C ALA A 4 -6.99 -3.07 -2.78
N ASP A 5 -6.01 -3.91 -2.52
CA ASP A 5 -4.67 -3.74 -3.08
C ASP A 5 -4.67 -3.77 -4.59
N GLU A 6 -3.93 -2.89 -5.19
CA GLU A 6 -3.81 -2.82 -6.61
C GLU A 6 -3.04 -4.04 -7.10
N LYS A 7 -3.61 -4.74 -8.05
CA LYS A 7 -3.01 -5.93 -8.60
C LYS A 7 -2.03 -5.57 -9.70
N ASN A 8 -2.09 -4.34 -10.15
CA ASN A 8 -1.15 -3.82 -11.16
C ASN A 8 0.05 -3.18 -10.47
N PHE A 9 0.19 -3.51 -9.21
CA PHE A 9 1.21 -2.99 -8.35
C PHE A 9 1.75 -4.17 -7.55
N ASP A 10 2.97 -4.10 -7.07
CA ASP A 10 3.48 -5.15 -6.21
C ASP A 10 3.49 -4.66 -4.78
N CYS A 11 2.44 -4.99 -4.08
CA CYS A 11 2.23 -4.52 -2.72
C CYS A 11 3.25 -5.11 -1.76
N ARG A 12 3.70 -6.32 -2.06
CA ARG A 12 4.68 -6.98 -1.22
C ARG A 12 6.00 -6.25 -1.29
N ARG A 13 6.38 -5.87 -2.49
CA ARG A 13 7.62 -5.14 -2.73
C ARG A 13 7.64 -3.84 -1.94
N SER A 14 6.57 -3.08 -1.99
CA SER A 14 6.49 -1.83 -1.25
C SER A 14 6.47 -2.06 0.27
N LEU A 15 5.96 -3.21 0.70
CA LEU A 15 5.94 -3.54 2.10
C LEU A 15 7.35 -3.92 2.57
N ARG A 16 8.01 -4.74 1.77
CA ARG A 16 9.36 -5.18 2.09
C ARG A 16 10.36 -4.01 2.05
N ASN A 17 10.12 -3.09 1.13
CA ASN A 17 10.96 -1.86 1.04
C ASN A 17 10.71 -0.95 2.19
N GLY A 18 9.49 -0.98 2.69
CA GLY A 18 9.15 -0.17 3.82
C GLY A 18 8.30 1.02 3.44
N ASP A 19 8.04 1.17 2.15
CA ASP A 19 7.23 2.31 1.62
C ASP A 19 5.84 2.24 2.18
N CYS A 20 5.40 1.03 2.37
CA CYS A 20 4.09 0.71 2.90
C CYS A 20 3.93 1.22 4.34
N ASP A 21 5.05 1.38 5.05
CA ASP A 21 5.00 1.82 6.45
C ASP A 21 5.62 3.22 6.59
N ASN A 22 6.15 3.73 5.50
CA ASN A 22 6.80 5.04 5.50
C ASN A 22 5.75 6.12 5.48
N ASP A 23 5.82 7.04 6.44
CA ASP A 23 4.83 8.12 6.59
C ASP A 23 4.65 8.97 5.36
N ASP A 24 5.74 9.31 4.70
CA ASP A 24 5.70 10.14 3.49
C ASP A 24 5.04 9.36 2.34
N LYS A 25 5.18 8.06 2.36
CA LYS A 25 4.65 7.23 1.31
C LYS A 25 3.29 6.65 1.66
N LEU A 26 2.77 6.94 2.86
CA LEU A 26 1.50 6.36 3.32
C LEU A 26 0.34 6.69 2.40
N LEU A 27 0.24 7.94 1.98
CA LEU A 27 -0.80 8.35 1.09
C LEU A 27 -0.72 7.55 -0.21
N GLU A 28 0.51 7.45 -0.71
CA GLU A 28 0.82 6.76 -1.94
C GLU A 28 0.39 5.32 -1.83
N MET A 29 0.55 4.80 -0.65
CA MET A 29 0.33 3.41 -0.42
C MET A 29 -1.09 3.11 -0.03
N GLY A 30 -1.80 4.14 0.35
CA GLY A 30 -3.19 4.00 0.73
C GLY A 30 -4.05 3.74 -0.47
N TYR A 31 -3.77 4.42 -1.58
CA TYR A 31 -4.53 4.18 -2.77
C TYR A 31 -4.04 2.99 -3.55
N TYR A 32 -2.77 2.73 -3.42
CA TYR A 32 -2.19 1.55 -4.05
C TYR A 32 -2.49 0.25 -3.29
N CYS A 33 -2.04 0.14 -2.07
CA CYS A 33 -2.21 -1.11 -1.36
C CYS A 33 -2.76 -0.87 0.05
N PRO A 34 -4.07 -0.54 0.14
CA PRO A 34 -4.70 -0.18 1.41
C PRO A 34 -4.79 -1.37 2.36
N VAL A 35 -4.79 -2.54 1.80
CA VAL A 35 -4.94 -3.73 2.61
C VAL A 35 -3.60 -4.19 3.12
N THR A 36 -2.61 -4.16 2.28
CA THR A 36 -1.26 -4.54 2.63
C THR A 36 -0.68 -3.60 3.70
N CYS A 37 -0.97 -2.32 3.57
CA CYS A 37 -0.47 -1.32 4.50
C CYS A 37 -1.36 -1.14 5.75
N GLY A 38 -2.38 -1.98 5.87
CA GLY A 38 -3.20 -1.98 7.07
C GLY A 38 -4.14 -0.80 7.23
N PHE A 39 -4.80 -0.42 6.17
CA PHE A 39 -5.83 0.61 6.24
C PHE A 39 -7.18 -0.08 6.16
N CYS A 40 -7.25 -1.02 5.26
CA CYS A 40 -8.44 -1.78 5.03
C CYS A 40 -8.21 -3.22 5.44
N GLU A 1 -9.88 4.20 -2.87
CA GLU A 1 -10.78 4.21 -1.71
C GLU A 1 -11.11 2.81 -1.28
N HIS A 2 -11.77 2.08 -2.18
CA HIS A 2 -12.19 0.73 -1.90
C HIS A 2 -10.96 -0.07 -1.65
N CYS A 3 -10.82 -0.46 -0.43
CA CYS A 3 -9.66 -1.24 -0.01
C CYS A 3 -9.48 -2.57 -0.76
N ALA A 4 -8.78 -2.48 -1.85
CA ALA A 4 -8.38 -3.59 -2.66
C ALA A 4 -7.03 -3.24 -3.21
N ASP A 5 -6.05 -4.08 -2.94
CA ASP A 5 -4.68 -3.84 -3.42
C ASP A 5 -4.65 -3.81 -4.95
N GLU A 6 -3.91 -2.86 -5.49
CA GLU A 6 -3.84 -2.62 -6.92
C GLU A 6 -3.16 -3.82 -7.61
N LYS A 7 -3.71 -4.24 -8.72
CA LYS A 7 -3.28 -5.44 -9.42
C LYS A 7 -1.97 -5.32 -10.15
N ASN A 8 -1.63 -4.15 -10.57
CA ASN A 8 -0.39 -3.95 -11.31
C ASN A 8 0.70 -3.44 -10.40
N PHE A 9 0.35 -3.21 -9.17
CA PHE A 9 1.28 -2.71 -8.21
C PHE A 9 1.73 -3.88 -7.36
N ASP A 10 2.96 -3.91 -6.95
CA ASP A 10 3.43 -5.02 -6.15
C ASP A 10 3.52 -4.65 -4.69
N CYS A 11 2.53 -5.04 -3.96
CA CYS A 11 2.41 -4.69 -2.57
C CYS A 11 3.48 -5.37 -1.72
N ARG A 12 3.96 -6.52 -2.16
CA ARG A 12 5.01 -7.26 -1.45
C ARG A 12 6.27 -6.41 -1.39
N ARG A 13 6.67 -5.89 -2.54
CA ARG A 13 7.84 -5.04 -2.67
C ARG A 13 7.74 -3.80 -1.80
N SER A 14 6.64 -3.09 -1.91
CA SER A 14 6.44 -1.88 -1.15
C SER A 14 6.39 -2.14 0.36
N LEU A 15 5.84 -3.28 0.75
CA LEU A 15 5.76 -3.66 2.15
C LEU A 15 7.17 -3.93 2.68
N ARG A 16 7.96 -4.64 1.89
CA ARG A 16 9.33 -4.98 2.27
C ARG A 16 10.27 -3.77 2.27
N ASN A 17 10.08 -2.86 1.33
CA ASN A 17 10.92 -1.64 1.26
C ASN A 17 10.61 -0.71 2.39
N GLY A 18 9.37 -0.63 2.77
CA GLY A 18 9.01 0.23 3.85
C GLY A 18 8.05 1.31 3.42
N ASP A 19 7.71 1.32 2.12
CA ASP A 19 6.81 2.33 1.54
C ASP A 19 5.44 2.28 2.19
N CYS A 20 5.06 1.10 2.62
CA CYS A 20 3.76 0.86 3.19
C CYS A 20 3.73 1.27 4.68
N ASP A 21 4.86 1.72 5.21
CA ASP A 21 4.93 2.21 6.59
C ASP A 21 5.49 3.64 6.61
N ASN A 22 5.97 4.06 5.47
CA ASN A 22 6.59 5.37 5.30
C ASN A 22 5.54 6.45 5.11
N ASP A 23 5.55 7.43 6.00
CA ASP A 23 4.56 8.54 6.04
C ASP A 23 4.43 9.21 4.69
N ASP A 24 5.56 9.44 4.06
CA ASP A 24 5.65 10.15 2.80
C ASP A 24 5.07 9.36 1.64
N LYS A 25 4.87 8.08 1.84
CA LYS A 25 4.31 7.23 0.81
C LYS A 25 2.95 6.69 1.21
N LEU A 26 2.55 6.90 2.46
CA LEU A 26 1.32 6.33 3.01
C LEU A 26 0.07 6.60 2.21
N LEU A 27 -0.13 7.83 1.77
CA LEU A 27 -1.30 8.19 1.01
C LEU A 27 -1.37 7.35 -0.25
N GLU A 28 -0.24 7.27 -0.92
CA GLU A 28 -0.12 6.52 -2.16
C GLU A 28 -0.32 5.05 -1.90
N MET A 29 0.10 4.64 -0.74
CA MET A 29 0.02 3.25 -0.38
C MET A 29 -1.35 2.90 0.10
N GLY A 30 -2.08 3.91 0.49
CA GLY A 30 -3.43 3.75 0.93
C GLY A 30 -4.35 3.49 -0.22
N TYR A 31 -3.98 3.95 -1.40
CA TYR A 31 -4.75 3.60 -2.56
C TYR A 31 -4.15 2.47 -3.34
N TYR A 32 -2.85 2.43 -3.38
CA TYR A 32 -2.16 1.34 -4.05
C TYR A 32 -2.31 0.00 -3.35
N CYS A 33 -2.02 -0.05 -2.08
CA CYS A 33 -2.15 -1.31 -1.36
C CYS A 33 -2.85 -1.10 -0.02
N PRO A 34 -4.15 -0.73 -0.04
CA PRO A 34 -4.90 -0.43 1.17
C PRO A 34 -5.08 -1.64 2.06
N VAL A 35 -5.06 -2.82 1.48
CA VAL A 35 -5.25 -4.00 2.27
C VAL A 35 -3.93 -4.41 2.90
N THR A 36 -2.88 -4.35 2.11
CA THR A 36 -1.55 -4.68 2.57
C THR A 36 -1.11 -3.71 3.69
N CYS A 37 -1.44 -2.45 3.52
CA CYS A 37 -1.11 -1.43 4.51
C CYS A 37 -2.10 -1.40 5.70
N GLY A 38 -3.08 -2.29 5.66
CA GLY A 38 -3.99 -2.47 6.78
C GLY A 38 -5.02 -1.37 6.96
N PHE A 39 -5.70 -0.98 5.90
CA PHE A 39 -6.76 0.00 6.04
C PHE A 39 -8.11 -0.67 6.27
N CYS A 40 -8.16 -1.96 6.12
CA CYS A 40 -9.32 -2.76 6.43
C CYS A 40 -8.86 -4.16 6.80
N GLU A 1 -15.20 4.95 -1.94
CA GLU A 1 -14.07 4.23 -2.51
C GLU A 1 -14.03 2.83 -1.92
N HIS A 2 -13.70 1.87 -2.75
CA HIS A 2 -13.57 0.49 -2.32
C HIS A 2 -12.10 0.16 -2.30
N CYS A 3 -11.57 -0.07 -1.13
CA CYS A 3 -10.15 -0.24 -1.00
C CYS A 3 -9.71 -1.68 -1.29
N ALA A 4 -8.91 -1.84 -2.33
CA ALA A 4 -8.36 -3.12 -2.72
C ALA A 4 -6.98 -2.89 -3.29
N ASP A 5 -6.05 -3.73 -2.93
CA ASP A 5 -4.65 -3.64 -3.39
C ASP A 5 -4.55 -3.71 -4.92
N GLU A 6 -3.82 -2.77 -5.48
CA GLU A 6 -3.57 -2.69 -6.90
C GLU A 6 -2.72 -3.87 -7.37
N LYS A 7 -3.21 -4.56 -8.37
CA LYS A 7 -2.56 -5.74 -8.92
C LYS A 7 -1.38 -5.36 -9.80
N ASN A 8 -1.40 -4.13 -10.25
CA ASN A 8 -0.36 -3.62 -11.13
C ASN A 8 0.78 -3.04 -10.29
N PHE A 9 0.55 -2.98 -9.01
CA PHE A 9 1.49 -2.46 -8.07
C PHE A 9 2.03 -3.64 -7.27
N ASP A 10 3.23 -3.56 -6.79
CA ASP A 10 3.73 -4.66 -5.99
C ASP A 10 3.68 -4.28 -4.53
N CYS A 11 2.66 -4.76 -3.89
CA CYS A 11 2.38 -4.45 -2.50
C CYS A 11 3.40 -5.09 -1.58
N ARG A 12 3.93 -6.22 -2.00
CA ARG A 12 4.84 -6.99 -1.18
C ARG A 12 6.16 -6.26 -1.07
N ARG A 13 6.71 -5.90 -2.21
CA ARG A 13 7.99 -5.21 -2.30
C ARG A 13 7.93 -3.90 -1.53
N SER A 14 6.85 -3.16 -1.74
CA SER A 14 6.67 -1.87 -1.09
C SER A 14 6.66 -2.01 0.44
N LEU A 15 6.04 -3.08 0.91
CA LEU A 15 6.00 -3.35 2.32
C LEU A 15 7.35 -3.82 2.82
N ARG A 16 7.95 -4.77 2.09
CA ARG A 16 9.27 -5.31 2.41
C ARG A 16 10.32 -4.20 2.56
N ASN A 17 10.33 -3.28 1.60
CA ASN A 17 11.27 -2.15 1.60
C ASN A 17 10.98 -1.25 2.78
N GLY A 18 9.72 -1.12 3.05
CA GLY A 18 9.27 -0.32 4.14
C GLY A 18 8.60 0.94 3.67
N ASP A 19 8.55 1.13 2.36
CA ASP A 19 7.97 2.35 1.79
C ASP A 19 6.49 2.42 1.97
N CYS A 20 5.87 1.30 2.17
CA CYS A 20 4.46 1.26 2.35
C CYS A 20 4.06 1.80 3.74
N ASP A 21 4.98 1.69 4.70
CA ASP A 21 4.74 2.17 6.06
C ASP A 21 5.41 3.53 6.25
N ASN A 22 6.10 3.93 5.22
CA ASN A 22 6.79 5.19 5.15
C ASN A 22 5.80 6.30 4.87
N ASP A 23 5.88 7.36 5.68
CA ASP A 23 4.97 8.52 5.62
C ASP A 23 4.90 9.11 4.25
N ASP A 24 6.01 9.05 3.56
CA ASP A 24 6.14 9.58 2.21
C ASP A 24 5.17 8.90 1.23
N LYS A 25 4.86 7.63 1.45
CA LYS A 25 3.95 6.92 0.57
C LYS A 25 2.61 6.59 1.22
N LEU A 26 2.37 6.99 2.46
CA LEU A 26 1.12 6.60 3.18
C LEU A 26 -0.17 6.86 2.40
N LEU A 27 -0.36 8.07 1.91
CA LEU A 27 -1.54 8.43 1.16
C LEU A 27 -1.64 7.57 -0.09
N GLU A 28 -0.50 7.43 -0.75
CA GLU A 28 -0.39 6.69 -1.98
C GLU A 28 -0.77 5.24 -1.72
N MET A 29 -0.40 4.77 -0.57
CA MET A 29 -0.56 3.38 -0.22
C MET A 29 -1.94 3.10 0.25
N GLY A 30 -2.63 4.14 0.65
CA GLY A 30 -4.00 4.03 1.07
C GLY A 30 -4.88 3.62 -0.08
N TYR A 31 -4.45 3.94 -1.29
CA TYR A 31 -5.17 3.51 -2.44
C TYR A 31 -4.48 2.40 -3.19
N TYR A 32 -3.18 2.40 -3.16
CA TYR A 32 -2.38 1.34 -3.79
C TYR A 32 -2.52 0.01 -3.12
N CYS A 33 -2.14 -0.10 -1.87
CA CYS A 33 -2.20 -1.38 -1.20
C CYS A 33 -2.76 -1.25 0.22
N PRO A 34 -4.07 -0.93 0.30
CA PRO A 34 -4.73 -0.66 1.55
C PRO A 34 -4.96 -1.92 2.37
N VAL A 35 -5.01 -3.04 1.72
CA VAL A 35 -5.24 -4.25 2.43
C VAL A 35 -3.92 -4.80 2.93
N THR A 36 -2.91 -4.77 2.07
CA THR A 36 -1.58 -5.29 2.37
C THR A 36 -0.97 -4.67 3.64
N CYS A 37 -0.96 -3.35 3.72
CA CYS A 37 -0.32 -2.74 4.88
C CYS A 37 -1.29 -2.47 6.03
N GLY A 38 -2.49 -3.01 5.92
CA GLY A 38 -3.42 -2.96 7.02
C GLY A 38 -4.14 -1.65 7.20
N PHE A 39 -4.60 -1.08 6.13
CA PHE A 39 -5.42 0.13 6.21
C PHE A 39 -6.84 -0.33 6.41
N CYS A 40 -7.25 -1.24 5.55
CA CYS A 40 -8.57 -1.81 5.54
C CYS A 40 -8.54 -3.21 4.93
N GLU A 1 -15.81 2.97 -2.81
CA GLU A 1 -14.89 2.29 -3.70
C GLU A 1 -14.47 0.98 -3.05
N HIS A 2 -13.86 0.12 -3.80
CA HIS A 2 -13.34 -1.10 -3.25
C HIS A 2 -11.92 -0.81 -2.85
N CYS A 3 -11.63 -0.80 -1.58
CA CYS A 3 -10.28 -0.61 -1.17
C CYS A 3 -9.53 -1.93 -1.27
N ALA A 4 -8.75 -2.06 -2.28
CA ALA A 4 -8.02 -3.26 -2.55
C ALA A 4 -6.70 -2.91 -3.16
N ASP A 5 -5.70 -3.64 -2.77
CA ASP A 5 -4.34 -3.44 -3.25
C ASP A 5 -4.32 -3.58 -4.77
N GLU A 6 -3.66 -2.64 -5.41
CA GLU A 6 -3.60 -2.56 -6.84
C GLU A 6 -2.86 -3.76 -7.42
N LYS A 7 -3.45 -4.39 -8.42
CA LYS A 7 -2.92 -5.58 -9.01
C LYS A 7 -1.80 -5.28 -9.99
N ASN A 8 -1.67 -4.03 -10.36
CA ASN A 8 -0.60 -3.59 -11.28
C ASN A 8 0.60 -3.13 -10.49
N PHE A 9 0.51 -3.27 -9.20
CA PHE A 9 1.48 -2.82 -8.28
C PHE A 9 1.82 -4.01 -7.39
N ASP A 10 3.01 -4.10 -6.88
CA ASP A 10 3.33 -5.20 -5.99
C ASP A 10 3.40 -4.67 -4.58
N CYS A 11 2.34 -4.85 -3.86
CA CYS A 11 2.22 -4.35 -2.52
C CYS A 11 3.05 -5.13 -1.53
N ARG A 12 3.34 -6.38 -1.83
CA ARG A 12 4.14 -7.20 -0.93
C ARG A 12 5.56 -6.68 -0.93
N ARG A 13 6.08 -6.48 -2.12
CA ARG A 13 7.43 -5.97 -2.29
C ARG A 13 7.52 -4.56 -1.72
N SER A 14 6.53 -3.71 -2.01
CA SER A 14 6.52 -2.34 -1.51
C SER A 14 6.50 -2.30 0.02
N LEU A 15 5.83 -3.29 0.60
CA LEU A 15 5.81 -3.46 2.03
C LEU A 15 7.22 -3.75 2.52
N ARG A 16 7.90 -4.65 1.84
CA ARG A 16 9.24 -5.07 2.23
C ARG A 16 10.28 -4.01 1.96
N ASN A 17 10.07 -3.22 0.91
CA ASN A 17 11.00 -2.13 0.55
C ASN A 17 10.99 -1.09 1.62
N GLY A 18 9.83 -0.88 2.19
CA GLY A 18 9.67 0.10 3.21
C GLY A 18 8.85 1.25 2.74
N ASP A 19 8.20 1.10 1.59
CA ASP A 19 7.33 2.14 1.04
C ASP A 19 6.13 2.28 1.94
N CYS A 20 5.72 1.17 2.48
CA CYS A 20 4.58 1.10 3.37
C CYS A 20 5.00 1.44 4.81
N ASP A 21 6.28 1.66 5.00
CA ASP A 21 6.83 1.98 6.31
C ASP A 21 7.17 3.47 6.40
N ASN A 22 7.14 4.10 5.25
CA ASN A 22 7.44 5.52 5.14
C ASN A 22 6.16 6.31 5.31
N ASP A 23 6.17 7.23 6.26
CA ASP A 23 4.99 8.08 6.54
C ASP A 23 4.61 8.91 5.33
N ASP A 24 5.59 9.32 4.58
CA ASP A 24 5.39 10.19 3.41
C ASP A 24 4.68 9.45 2.28
N LYS A 25 4.86 8.15 2.23
CA LYS A 25 4.27 7.36 1.18
C LYS A 25 2.98 6.71 1.60
N LEU A 26 2.60 6.90 2.84
CA LEU A 26 1.35 6.32 3.36
C LEU A 26 0.12 6.70 2.53
N LEU A 27 0.06 7.94 2.02
CA LEU A 27 -1.05 8.36 1.21
C LEU A 27 -1.09 7.51 -0.06
N GLU A 28 0.08 7.26 -0.64
CA GLU A 28 0.21 6.42 -1.83
C GLU A 28 -0.30 5.02 -1.50
N MET A 29 -0.02 4.60 -0.29
CA MET A 29 -0.35 3.27 0.17
C MET A 29 -1.83 3.19 0.47
N GLY A 30 -2.44 4.35 0.71
CA GLY A 30 -3.85 4.41 1.01
C GLY A 30 -4.71 3.97 -0.15
N TYR A 31 -4.20 4.14 -1.35
CA TYR A 31 -4.91 3.69 -2.51
C TYR A 31 -4.23 2.55 -3.22
N TYR A 32 -2.93 2.58 -3.26
CA TYR A 32 -2.16 1.48 -3.86
C TYR A 32 -2.22 0.20 -3.08
N CYS A 33 -2.01 0.27 -1.78
CA CYS A 33 -1.91 -0.93 -0.96
C CYS A 33 -2.69 -0.77 0.37
N PRO A 34 -4.02 -0.51 0.31
CA PRO A 34 -4.81 -0.24 1.50
C PRO A 34 -4.94 -1.45 2.39
N VAL A 35 -4.89 -2.61 1.82
CA VAL A 35 -5.07 -3.80 2.59
C VAL A 35 -3.74 -4.26 3.18
N THR A 36 -2.70 -4.21 2.37
CA THR A 36 -1.37 -4.59 2.79
C THR A 36 -0.88 -3.69 3.96
N CYS A 37 -1.17 -2.42 3.87
CA CYS A 37 -0.74 -1.47 4.89
C CYS A 37 -1.73 -1.34 6.07
N GLY A 38 -2.85 -2.05 6.00
CA GLY A 38 -3.79 -2.06 7.11
C GLY A 38 -4.69 -0.83 7.22
N PHE A 39 -5.22 -0.39 6.11
CA PHE A 39 -6.20 0.70 6.08
C PHE A 39 -7.59 0.09 6.17
N CYS A 40 -7.71 -1.08 5.62
CA CYS A 40 -8.97 -1.78 5.57
C CYS A 40 -8.85 -3.07 6.36
N GLU A 1 -17.27 1.64 -1.74
CA GLU A 1 -15.86 1.53 -2.10
C GLU A 1 -15.28 0.26 -1.55
N HIS A 2 -14.77 -0.58 -2.42
CA HIS A 2 -14.06 -1.74 -2.00
C HIS A 2 -12.59 -1.41 -2.16
N CYS A 3 -11.91 -1.30 -1.07
CA CYS A 3 -10.52 -1.00 -1.11
C CYS A 3 -9.72 -2.30 -1.22
N ALA A 4 -8.89 -2.36 -2.23
CA ALA A 4 -8.04 -3.50 -2.46
C ALA A 4 -6.73 -3.00 -2.99
N ASP A 5 -5.69 -3.80 -2.85
CA ASP A 5 -4.39 -3.40 -3.36
C ASP A 5 -4.41 -3.41 -4.88
N GLU A 6 -3.66 -2.52 -5.48
CA GLU A 6 -3.55 -2.43 -6.91
C GLU A 6 -2.83 -3.67 -7.43
N LYS A 7 -3.43 -4.32 -8.40
CA LYS A 7 -2.90 -5.55 -8.96
C LYS A 7 -1.73 -5.28 -9.89
N ASN A 8 -1.61 -4.07 -10.33
CA ASN A 8 -0.51 -3.68 -11.24
C ASN A 8 0.66 -3.13 -10.45
N PHE A 9 0.52 -3.17 -9.16
CA PHE A 9 1.50 -2.67 -8.25
C PHE A 9 1.87 -3.81 -7.34
N ASP A 10 3.11 -3.92 -6.94
CA ASP A 10 3.47 -5.00 -6.07
C ASP A 10 3.58 -4.51 -4.66
N CYS A 11 2.49 -4.61 -3.97
CA CYS A 11 2.39 -4.12 -2.61
C CYS A 11 3.19 -4.96 -1.65
N ARG A 12 3.50 -6.17 -2.06
CA ARG A 12 4.23 -7.07 -1.20
C ARG A 12 5.68 -6.59 -1.14
N ARG A 13 6.21 -6.23 -2.31
CA ARG A 13 7.53 -5.65 -2.47
C ARG A 13 7.65 -4.36 -1.67
N SER A 14 6.68 -3.47 -1.85
CA SER A 14 6.65 -2.20 -1.15
C SER A 14 6.55 -2.40 0.38
N LEU A 15 5.89 -3.48 0.80
CA LEU A 15 5.79 -3.81 2.20
C LEU A 15 7.16 -4.18 2.75
N ARG A 16 7.83 -5.08 2.05
CA ARG A 16 9.16 -5.58 2.43
C ARG A 16 10.20 -4.47 2.46
N ASN A 17 10.12 -3.55 1.50
CA ASN A 17 11.09 -2.47 1.41
C ASN A 17 10.77 -1.34 2.35
N GLY A 18 9.59 -1.33 2.88
CA GLY A 18 9.24 -0.38 3.90
C GLY A 18 8.55 0.85 3.37
N ASP A 19 8.15 0.82 2.12
CA ASP A 19 7.42 1.94 1.49
C ASP A 19 6.07 2.03 2.14
N CYS A 20 5.56 0.87 2.47
CA CYS A 20 4.27 0.68 3.09
C CYS A 20 4.30 1.15 4.56
N ASP A 21 5.48 1.43 5.07
CA ASP A 21 5.63 1.87 6.44
C ASP A 21 6.11 3.30 6.47
N ASN A 22 6.49 3.79 5.33
CA ASN A 22 7.08 5.09 5.23
C ASN A 22 6.00 6.15 5.18
N ASP A 23 5.96 6.97 6.23
CA ASP A 23 4.94 8.02 6.42
C ASP A 23 4.77 8.86 5.17
N ASP A 24 5.89 9.26 4.61
CA ASP A 24 5.92 10.10 3.42
C ASP A 24 5.23 9.45 2.21
N LYS A 25 5.31 8.15 2.13
CA LYS A 25 4.77 7.41 0.99
C LYS A 25 3.36 6.92 1.28
N LEU A 26 2.89 7.11 2.51
CA LEU A 26 1.58 6.58 2.93
C LEU A 26 0.41 7.04 2.10
N LEU A 27 0.43 8.28 1.61
CA LEU A 27 -0.63 8.79 0.79
C LEU A 27 -0.78 7.88 -0.44
N GLU A 28 0.34 7.61 -1.09
CA GLU A 28 0.39 6.74 -2.24
C GLU A 28 -0.01 5.34 -1.86
N MET A 29 0.33 4.94 -0.65
CA MET A 29 0.06 3.59 -0.19
C MET A 29 -1.43 3.44 0.11
N GLY A 30 -2.07 4.55 0.42
CA GLY A 30 -3.49 4.53 0.71
C GLY A 30 -4.33 4.11 -0.47
N TYR A 31 -3.89 4.49 -1.65
CA TYR A 31 -4.61 4.08 -2.84
C TYR A 31 -4.00 2.89 -3.53
N TYR A 32 -2.69 2.83 -3.54
CA TYR A 32 -1.99 1.68 -4.13
C TYR A 32 -2.15 0.41 -3.31
N CYS A 33 -1.96 0.51 -2.02
CA CYS A 33 -1.94 -0.68 -1.17
C CYS A 33 -2.74 -0.48 0.13
N PRO A 34 -4.07 -0.21 0.05
CA PRO A 34 -4.88 0.02 1.24
C PRO A 34 -4.98 -1.23 2.10
N VAL A 35 -4.83 -2.37 1.50
CA VAL A 35 -4.96 -3.60 2.21
C VAL A 35 -3.65 -4.01 2.85
N THR A 36 -2.59 -3.98 2.08
CA THR A 36 -1.26 -4.37 2.56
C THR A 36 -0.80 -3.48 3.73
N CYS A 37 -1.04 -2.19 3.61
CA CYS A 37 -0.63 -1.25 4.62
C CYS A 37 -1.64 -1.11 5.77
N GLY A 38 -2.72 -1.87 5.72
CA GLY A 38 -3.66 -1.88 6.82
C GLY A 38 -4.55 -0.64 6.92
N PHE A 39 -5.08 -0.21 5.81
CA PHE A 39 -6.05 0.89 5.78
C PHE A 39 -7.44 0.30 5.83
N CYS A 40 -7.52 -0.97 5.52
CA CYS A 40 -8.78 -1.67 5.45
C CYS A 40 -8.77 -2.88 6.38
N GLU A 1 -15.94 3.21 -2.67
CA GLU A 1 -14.74 2.66 -3.28
C GLU A 1 -14.45 1.31 -2.68
N HIS A 2 -14.06 0.39 -3.52
CA HIS A 2 -13.71 -0.93 -3.06
C HIS A 2 -12.22 -0.94 -2.85
N CYS A 3 -11.83 -1.04 -1.63
CA CYS A 3 -10.45 -0.96 -1.26
C CYS A 3 -9.74 -2.29 -1.43
N ALA A 4 -9.02 -2.42 -2.50
CA ALA A 4 -8.28 -3.62 -2.78
C ALA A 4 -6.92 -3.21 -3.26
N ASP A 5 -5.93 -3.96 -2.86
CA ASP A 5 -4.55 -3.72 -3.26
C ASP A 5 -4.45 -3.73 -4.78
N GLU A 6 -3.80 -2.72 -5.31
CA GLU A 6 -3.66 -2.53 -6.74
C GLU A 6 -2.89 -3.70 -7.37
N LYS A 7 -3.34 -4.12 -8.52
CA LYS A 7 -2.78 -5.29 -9.16
C LYS A 7 -1.56 -4.98 -9.99
N ASN A 8 -1.45 -3.77 -10.46
CA ASN A 8 -0.27 -3.38 -11.25
C ASN A 8 0.79 -2.76 -10.34
N PHE A 9 0.53 -2.84 -9.06
CA PHE A 9 1.41 -2.36 -8.05
C PHE A 9 1.79 -3.56 -7.21
N ASP A 10 3.03 -3.66 -6.81
CA ASP A 10 3.42 -4.79 -5.98
C ASP A 10 3.40 -4.39 -4.54
N CYS A 11 2.40 -4.83 -3.84
CA CYS A 11 2.22 -4.48 -2.46
C CYS A 11 3.17 -5.20 -1.53
N ARG A 12 3.59 -6.40 -1.92
CA ARG A 12 4.44 -7.20 -1.05
C ARG A 12 5.83 -6.60 -1.00
N ARG A 13 6.32 -6.27 -2.18
CA ARG A 13 7.61 -5.64 -2.35
C ARG A 13 7.64 -4.34 -1.60
N SER A 14 6.65 -3.50 -1.85
CA SER A 14 6.56 -2.18 -1.24
C SER A 14 6.53 -2.27 0.30
N LEU A 15 5.88 -3.29 0.81
CA LEU A 15 5.80 -3.50 2.24
C LEU A 15 7.17 -3.90 2.79
N ARG A 16 7.81 -4.83 2.11
CA ARG A 16 9.10 -5.35 2.50
C ARG A 16 10.17 -4.26 2.32
N ASN A 17 10.04 -3.47 1.27
CA ASN A 17 11.00 -2.40 0.94
C ASN A 17 10.96 -1.29 1.95
N GLY A 18 9.76 -0.94 2.38
CA GLY A 18 9.64 0.11 3.35
C GLY A 18 8.80 1.25 2.85
N ASP A 19 8.16 1.05 1.70
CA ASP A 19 7.31 2.06 1.09
C ASP A 19 6.09 2.33 1.93
N CYS A 20 5.67 1.34 2.67
CA CYS A 20 4.49 1.45 3.51
C CYS A 20 4.89 1.88 4.93
N ASP A 21 6.17 2.07 5.14
CA ASP A 21 6.67 2.53 6.44
C ASP A 21 7.24 3.93 6.28
N ASN A 22 7.39 4.34 5.06
CA ASN A 22 7.95 5.61 4.71
C ASN A 22 6.85 6.66 4.68
N ASP A 23 6.97 7.64 5.56
CA ASP A 23 5.93 8.67 5.81
C ASP A 23 5.42 9.36 4.55
N ASP A 24 6.33 9.76 3.68
CA ASP A 24 5.92 10.50 2.48
C ASP A 24 5.22 9.63 1.44
N LYS A 25 5.22 8.32 1.62
CA LYS A 25 4.55 7.43 0.70
C LYS A 25 3.28 6.83 1.29
N LEU A 26 3.05 7.10 2.57
CA LEU A 26 1.92 6.52 3.32
C LEU A 26 0.57 6.73 2.65
N LEU A 27 0.25 7.97 2.30
CA LEU A 27 -1.00 8.30 1.68
C LEU A 27 -1.17 7.51 0.37
N GLU A 28 -0.07 7.42 -0.39
CA GLU A 28 -0.05 6.69 -1.66
C GLU A 28 -0.34 5.22 -1.41
N MET A 29 0.18 4.73 -0.32
CA MET A 29 0.05 3.34 0.04
C MET A 29 -1.36 3.05 0.50
N GLY A 30 -2.02 4.08 0.98
CA GLY A 30 -3.39 3.97 1.43
C GLY A 30 -4.36 3.72 0.29
N TYR A 31 -3.99 4.13 -0.91
CA TYR A 31 -4.81 3.83 -2.05
C TYR A 31 -4.30 2.67 -2.86
N TYR A 32 -3.00 2.60 -2.98
CA TYR A 32 -2.35 1.50 -3.68
C TYR A 32 -2.55 0.17 -2.98
N CYS A 33 -2.29 0.11 -1.69
CA CYS A 33 -2.40 -1.14 -0.99
C CYS A 33 -3.13 -0.96 0.33
N PRO A 34 -4.46 -0.75 0.29
CA PRO A 34 -5.26 -0.52 1.47
C PRO A 34 -5.37 -1.75 2.34
N VAL A 35 -5.22 -2.91 1.75
CA VAL A 35 -5.34 -4.11 2.50
C VAL A 35 -4.01 -4.50 3.13
N THR A 36 -2.97 -4.43 2.34
CA THR A 36 -1.61 -4.74 2.78
C THR A 36 -1.15 -3.79 3.90
N CYS A 37 -1.53 -2.54 3.80
CA CYS A 37 -1.16 -1.55 4.77
C CYS A 37 -2.20 -1.39 5.89
N GLY A 38 -3.15 -2.32 5.96
CA GLY A 38 -4.10 -2.39 7.07
C GLY A 38 -5.10 -1.26 7.17
N PHE A 39 -5.70 -0.89 6.07
CA PHE A 39 -6.77 0.10 6.07
C PHE A 39 -8.10 -0.62 5.99
N CYS A 40 -8.09 -1.75 5.35
CA CYS A 40 -9.26 -2.57 5.21
C CYS A 40 -8.95 -3.99 5.66
N GLU A 1 -15.83 1.46 -4.87
CA GLU A 1 -15.94 1.62 -3.41
C GLU A 1 -14.93 0.75 -2.72
N HIS A 2 -15.10 -0.58 -2.88
CA HIS A 2 -14.34 -1.59 -2.18
C HIS A 2 -12.85 -1.34 -2.31
N CYS A 3 -12.27 -0.98 -1.22
CA CYS A 3 -10.86 -0.71 -1.14
C CYS A 3 -10.03 -1.99 -1.18
N ALA A 4 -9.33 -2.17 -2.27
CA ALA A 4 -8.49 -3.33 -2.47
C ALA A 4 -7.14 -2.85 -3.00
N ASP A 5 -6.13 -3.68 -2.89
CA ASP A 5 -4.78 -3.32 -3.37
C ASP A 5 -4.79 -3.27 -4.88
N GLU A 6 -3.97 -2.41 -5.44
CA GLU A 6 -3.89 -2.26 -6.87
C GLU A 6 -3.19 -3.50 -7.46
N LYS A 7 -3.50 -3.83 -8.69
CA LYS A 7 -3.02 -5.06 -9.32
C LYS A 7 -1.62 -4.93 -9.87
N ASN A 8 -1.30 -3.76 -10.38
CA ASN A 8 -0.02 -3.52 -11.03
C ASN A 8 1.00 -3.18 -10.00
N PHE A 9 0.53 -2.56 -8.95
CA PHE A 9 1.37 -2.13 -7.89
C PHE A 9 1.75 -3.34 -7.05
N ASP A 10 3.02 -3.50 -6.80
CA ASP A 10 3.48 -4.64 -6.02
C ASP A 10 3.48 -4.26 -4.57
N CYS A 11 2.50 -4.71 -3.86
CA CYS A 11 2.34 -4.38 -2.47
C CYS A 11 3.30 -5.19 -1.61
N ARG A 12 3.64 -6.40 -2.07
CA ARG A 12 4.56 -7.27 -1.33
C ARG A 12 5.92 -6.59 -1.19
N ARG A 13 6.42 -6.12 -2.32
CA ARG A 13 7.68 -5.42 -2.41
C ARG A 13 7.62 -4.20 -1.54
N SER A 14 6.62 -3.38 -1.79
CA SER A 14 6.49 -2.10 -1.14
C SER A 14 6.35 -2.22 0.39
N LEU A 15 5.66 -3.25 0.86
CA LEU A 15 5.53 -3.46 2.28
C LEU A 15 6.88 -3.85 2.89
N ARG A 16 7.54 -4.80 2.25
CA ARG A 16 8.81 -5.33 2.74
C ARG A 16 9.96 -4.32 2.57
N ASN A 17 9.86 -3.51 1.53
CA ASN A 17 10.90 -2.50 1.24
C ASN A 17 10.85 -1.37 2.22
N GLY A 18 9.68 -1.05 2.70
CA GLY A 18 9.56 0.00 3.67
C GLY A 18 8.76 1.16 3.16
N ASP A 19 8.10 0.98 2.02
CA ASP A 19 7.29 2.04 1.39
C ASP A 19 6.10 2.37 2.24
N CYS A 20 5.57 1.37 2.88
CA CYS A 20 4.38 1.54 3.68
C CYS A 20 4.74 2.13 5.04
N ASP A 21 6.02 2.16 5.35
CA ASP A 21 6.49 2.75 6.59
C ASP A 21 7.21 4.07 6.27
N ASN A 22 7.25 4.38 5.01
CA ASN A 22 7.89 5.59 4.54
C ASN A 22 6.90 6.71 4.56
N ASP A 23 7.19 7.74 5.34
CA ASP A 23 6.31 8.89 5.54
C ASP A 23 5.90 9.53 4.22
N ASP A 24 6.85 9.69 3.33
CA ASP A 24 6.59 10.32 2.02
C ASP A 24 5.64 9.49 1.17
N LYS A 25 5.68 8.20 1.32
CA LYS A 25 4.89 7.31 0.51
C LYS A 25 3.59 6.87 1.20
N LEU A 26 3.42 7.25 2.46
CA LEU A 26 2.25 6.83 3.26
C LEU A 26 0.91 7.04 2.55
N LEU A 27 0.67 8.27 2.09
CA LEU A 27 -0.57 8.61 1.45
C LEU A 27 -0.79 7.71 0.23
N GLU A 28 0.27 7.54 -0.55
CA GLU A 28 0.24 6.75 -1.78
C GLU A 28 -0.10 5.30 -1.47
N MET A 29 0.42 4.84 -0.36
CA MET A 29 0.29 3.46 0.03
C MET A 29 -1.08 3.14 0.51
N GLY A 30 -1.76 4.15 1.00
CA GLY A 30 -3.11 3.97 1.50
C GLY A 30 -4.09 3.67 0.41
N TYR A 31 -3.88 4.20 -0.77
CA TYR A 31 -4.79 3.88 -1.85
C TYR A 31 -4.30 2.78 -2.74
N TYR A 32 -3.01 2.72 -2.91
CA TYR A 32 -2.42 1.64 -3.68
C TYR A 32 -2.52 0.30 -2.99
N CYS A 33 -2.27 0.24 -1.69
CA CYS A 33 -2.34 -1.02 -0.98
C CYS A 33 -3.08 -0.90 0.36
N PRO A 34 -4.42 -0.65 0.33
CA PRO A 34 -5.19 -0.49 1.55
C PRO A 34 -5.34 -1.80 2.31
N VAL A 35 -5.21 -2.89 1.62
CA VAL A 35 -5.38 -4.15 2.25
C VAL A 35 -4.07 -4.62 2.86
N THR A 36 -3.03 -4.61 2.05
CA THR A 36 -1.70 -5.07 2.47
C THR A 36 -1.14 -4.22 3.65
N CYS A 37 -1.57 -2.99 3.76
CA CYS A 37 -1.12 -2.12 4.84
C CYS A 37 -2.11 -2.01 6.01
N GLY A 38 -3.18 -2.79 5.96
CA GLY A 38 -4.12 -2.84 7.09
C GLY A 38 -5.06 -1.65 7.21
N PHE A 39 -5.48 -1.09 6.09
CA PHE A 39 -6.47 -0.01 6.10
C PHE A 39 -7.84 -0.63 6.04
N CYS A 40 -7.97 -1.60 5.18
CA CYS A 40 -9.21 -2.29 4.97
C CYS A 40 -9.01 -3.75 5.33
#